data_4C92
#
_entry.id   4C92
#
_cell.length_a   61.796
_cell.length_b   90.570
_cell.length_c   68.462
_cell.angle_alpha   90.00
_cell.angle_beta   100.80
_cell.angle_gamma   90.00
#
_symmetry.space_group_name_H-M   'P 1 21 1'
#
loop_
_entity.id
_entity.type
_entity.pdbx_description
1 polymer 'SM-LIKE PROTEIN LSM1'
2 polymer 'U6 SNRNA-ASSOCIATED SM-LIKE PROTEIN LSM2'
3 polymer 'U6 SNRNA-ASSOCIATED SM-LIKE PROTEIN LSM3'
4 polymer 'U6 SNRNA-ASSOCIATED SM-LIKE PROTEIN LSM4'
5 polymer 'U6 SNRNA-ASSOCIATED SM-LIKE PROTEIN LSM5'
6 polymer 'U6 SNRNA-ASSOCIATED SM-LIKE PROTEIN LSM6'
7 polymer 'U6 SNRNA-ASSOCIATED SM-LIKE PROTEIN LSM7'
8 water water
#
loop_
_entity_poly.entity_id
_entity_poly.type
_entity_poly.pdbx_seq_one_letter_code
_entity_poly.pdbx_strand_id
1 'polypeptide(L)'
;SEGEADLYLDQYNFTTTAAIVSSVDRKIFVLLRDGRMLFGVLRTFDQYANLILQDCVERIYFSEENKYAEEDRGIFMIRG
ENVVMLGEVDIDKEDQPLEAMERIPFKEAWLTKQKNDEKRFKEETHKGKKMARHGIVYDFHKSDMY
;
A
2 'polypeptide(L)'
;SENLYFQGSGSLFFSFFKTLVDQEVVVELKNDIEIKGTLQSVDQFLNLKLDNISCTDEKKYPHLGSVRNIFIRGSTVRYV
YLNKNMVDTNLLQDATRREVMTERK
;
B
3 'polypeptide(L)'
;METPLDLLKLNLDERVYIKLRGARTLVGTLQAFDSHCNIVLSDAVETIYQLNNEELSESERRCEMVFIRGDTVTLISTPS
EDDDGAVEI
;
C
4 'polypeptide(L)'
;MLPLYLLTNAKGQQMQIELKNGEIIQGILTNVDNWMNLTLSNVTEYSEESAINSEDNAESSKAVKLNEIYIRGTFIKFIK
LQDNIIDKVKQQINSNNNSNSNGPGHKRYYNNRD
;
D
5 'polypeptide(L)'
;MSLPEILPLEVIDKTINQKVLIVLQSNREFEGTLVGFDDFVNVILEDAVEWLIDPEDESRNEKVMQHHGRMLLSGNNIAI
LVPGGKKTPTEAL
;
E
6 'polypeptide(L)'
;MSGKASTEGSVTTEFLSDIIGKTVNVKLASGLLYSGRLESIDGFMNVALSSATEHYESNNNKLLNKFNSDVFLRGTQVMY
ISEQKI
;
F
7 'polypeptide(L)'
;MHQQHSKSENKPQQQRKKFEGPKREAILDLAKYKDSKIRVKLMGGKLVIGVLKGYDQLMNLVLDDTVEYMSNPDDENNTE
LISKNARKLGLTVIRGTILVSLSSAEGSDVLYMQK
;
G
#
# COMPACT_ATOMS: atom_id res chain seq x y z
N THR A 17 -14.79 -19.65 -2.93
CA THR A 17 -14.51 -18.44 -2.16
C THR A 17 -15.61 -18.13 -1.16
N ALA A 18 -15.88 -19.07 -0.25
CA ALA A 18 -16.93 -18.87 0.73
C ALA A 18 -16.49 -17.87 1.80
N ALA A 19 -17.42 -17.02 2.22
CA ALA A 19 -17.18 -16.15 3.35
C ALA A 19 -17.35 -16.93 4.66
N ILE A 20 -16.30 -16.97 5.46
CA ILE A 20 -16.40 -17.53 6.80
C ILE A 20 -16.64 -16.40 7.79
N VAL A 21 -17.92 -16.19 8.09
CA VAL A 21 -18.37 -15.16 9.01
C VAL A 21 -18.54 -15.68 10.46
N SER A 22 -17.59 -15.34 11.32
CA SER A 22 -17.60 -15.69 12.72
C SER A 22 -18.40 -14.73 13.62
N SER A 23 -19.41 -15.27 14.31
CA SER A 23 -20.14 -14.52 15.33
C SER A 23 -19.54 -14.80 16.71
N VAL A 24 -19.13 -13.78 17.40
CA VAL A 24 -18.48 -13.86 18.69
C VAL A 24 -18.89 -12.73 19.63
N ASP A 25 -18.39 -12.75 20.84
CA ASP A 25 -18.55 -11.63 21.75
C ASP A 25 -17.37 -11.55 22.70
N ARG A 26 -16.34 -10.80 22.39
CA ARG A 26 -15.24 -10.65 23.29
C ARG A 26 -14.90 -9.22 23.48
N LYS A 27 -14.31 -8.86 24.59
CA LYS A 27 -13.78 -7.54 24.80
C LYS A 27 -12.34 -7.59 24.28
N ILE A 28 -12.02 -6.67 23.38
CA ILE A 28 -10.70 -6.62 22.76
C ILE A 28 -10.14 -5.21 22.72
N PHE A 29 -8.85 -5.13 22.41
CA PHE A 29 -8.24 -3.91 21.94
C PHE A 29 -7.91 -4.14 20.47
N VAL A 30 -7.94 -3.07 19.69
CA VAL A 30 -7.54 -3.07 18.30
C VAL A 30 -6.57 -1.92 18.16
N LEU A 31 -5.45 -2.18 17.51
CA LEU A 31 -4.55 -1.11 17.10
C LEU A 31 -4.67 -0.91 15.59
N LEU A 32 -4.96 0.32 15.15
CA LEU A 32 -5.12 0.58 13.71
C LEU A 32 -3.82 1.10 13.07
N ARG A 33 -3.79 1.04 11.75
CA ARG A 33 -2.60 1.43 10.98
C ARG A 33 -2.28 2.90 11.22
N ASP A 34 -3.31 3.70 11.52
CA ASP A 34 -3.11 5.14 11.74
C ASP A 34 -2.55 5.47 13.14
N GLY A 35 -2.53 4.46 14.01
CA GLY A 35 -1.90 4.60 15.32
C GLY A 35 -2.88 4.70 16.48
N ARG A 36 -4.18 4.69 16.18
CA ARG A 36 -5.17 4.81 17.22
C ARG A 36 -5.47 3.47 17.94
N MET A 37 -5.75 3.56 19.23
CA MET A 37 -6.17 2.40 19.99
C MET A 37 -7.69 2.41 20.25
N LEU A 38 -8.35 1.34 19.83
CA LEU A 38 -9.76 1.16 20.15
C LEU A 38 -9.95 0.03 21.15
N PHE A 39 -10.93 0.20 22.04
CA PHE A 39 -11.41 -0.85 22.93
C PHE A 39 -12.90 -1.02 22.66
N GLY A 40 -13.38 -2.26 22.58
CA GLY A 40 -14.79 -2.47 22.32
C GLY A 40 -15.20 -3.93 22.45
N VAL A 41 -16.38 -4.24 21.94
CA VAL A 41 -16.85 -5.62 21.91
C VAL A 41 -16.90 -6.14 20.47
N LEU A 42 -16.09 -7.16 20.21
CA LEU A 42 -16.08 -7.74 18.90
C LEU A 42 -17.26 -8.68 18.74
N ARG A 43 -18.03 -8.49 17.67
CA ARG A 43 -19.23 -9.28 17.45
C ARG A 43 -19.13 -10.16 16.21
N THR A 44 -18.39 -9.68 15.22
CA THR A 44 -18.41 -10.30 13.91
C THR A 44 -17.09 -10.04 13.26
N PHE A 45 -16.63 -11.03 12.52
CA PHE A 45 -15.46 -10.86 11.66
C PHE A 45 -15.46 -11.94 10.60
N ASP A 46 -14.75 -11.65 9.51
CA ASP A 46 -14.58 -12.60 8.45
C ASP A 46 -13.08 -12.92 8.35
N GLN A 47 -12.71 -13.72 7.37
CA GLN A 47 -11.34 -14.17 7.25
C GLN A 47 -10.37 -13.09 6.73
N TYR A 48 -10.90 -11.94 6.36
CA TYR A 48 -10.06 -10.82 5.96
C TYR A 48 -9.76 -9.90 7.13
N ALA A 49 -10.28 -10.24 8.30
CA ALA A 49 -10.17 -9.42 9.50
C ALA A 49 -10.97 -8.09 9.41
N ASN A 50 -12.03 -8.10 8.61
CA ASN A 50 -13.05 -7.06 8.69
C ASN A 50 -13.81 -7.26 10.01
N LEU A 51 -13.98 -6.21 10.80
CA LEU A 51 -14.58 -6.35 12.13
C LEU A 51 -15.80 -5.48 12.34
N ILE A 52 -16.74 -6.00 13.12
CA ILE A 52 -17.81 -5.20 13.65
C ILE A 52 -17.65 -5.15 15.15
N LEU A 53 -17.47 -3.93 15.66
CA LEU A 53 -17.31 -3.70 17.07
C LEU A 53 -18.49 -2.93 17.65
N GLN A 54 -18.80 -3.25 18.90
CA GLN A 54 -19.93 -2.67 19.62
C GLN A 54 -19.33 -1.89 20.77
N ASP A 55 -20.03 -0.84 21.21
CA ASP A 55 -19.58 -0.04 22.35
C ASP A 55 -18.11 0.33 22.30
N CYS A 56 -17.66 0.79 21.14
CA CYS A 56 -16.26 1.19 21.00
C CYS A 56 -15.88 2.41 21.81
N VAL A 57 -14.61 2.41 22.19
CA VAL A 57 -13.99 3.52 22.89
C VAL A 57 -12.62 3.81 22.26
N GLU A 58 -12.39 5.06 21.90
CA GLU A 58 -11.03 5.45 21.53
C GLU A 58 -10.28 5.97 22.75
N ARG A 59 -9.13 5.36 22.99
CA ARG A 59 -8.32 5.64 24.15
C ARG A 59 -6.94 6.04 23.67
N ILE A 60 -6.42 7.13 24.24
CA ILE A 60 -5.07 7.60 23.99
C ILE A 60 -4.27 7.59 25.29
N TYR A 61 -3.07 7.03 25.26
CA TYR A 61 -2.19 7.00 26.43
C TYR A 61 -0.98 7.90 26.23
N PHE A 62 -0.56 8.55 27.30
CA PHE A 62 0.73 9.23 27.37
C PHE A 62 1.29 8.82 28.71
N SER A 63 1.94 7.66 28.75
CA SER A 63 2.51 7.16 29.99
C SER A 63 3.69 8.02 30.43
N GLU A 64 4.25 8.77 29.49
CA GLU A 64 5.36 9.66 29.77
C GLU A 64 4.93 10.90 30.53
N GLU A 65 3.62 11.06 30.73
CA GLU A 65 3.12 12.19 31.51
C GLU A 65 2.00 11.80 32.48
N ASN A 66 1.77 10.50 32.62
CA ASN A 66 0.70 9.96 33.47
C ASN A 66 -0.68 10.50 33.14
N LYS A 67 -0.95 10.66 31.85
CA LYS A 67 -2.23 11.16 31.36
C LYS A 67 -2.84 10.26 30.30
N TYR A 68 -4.16 10.22 30.26
CA TYR A 68 -4.89 9.46 29.26
C TYR A 68 -6.20 10.15 28.91
N ALA A 69 -6.89 9.61 27.90
CA ALA A 69 -8.14 10.20 27.44
C ALA A 69 -9.00 9.14 26.78
N GLU A 70 -10.31 9.26 26.96
CA GLU A 70 -11.26 8.38 26.31
C GLU A 70 -12.32 9.21 25.61
N GLU A 71 -12.98 8.58 24.65
CA GLU A 71 -14.13 9.17 24.00
C GLU A 71 -14.88 8.00 23.36
N ASP A 72 -16.22 8.05 23.39
CA ASP A 72 -17.05 6.97 22.87
C ASP A 72 -17.19 7.03 21.34
N ARG A 73 -17.23 5.86 20.71
CA ARG A 73 -17.27 5.75 19.26
C ARG A 73 -18.42 4.89 18.79
N GLY A 74 -19.00 4.10 19.68
CA GLY A 74 -20.20 3.37 19.34
C GLY A 74 -19.99 2.09 18.55
N ILE A 75 -20.73 1.98 17.45
CA ILE A 75 -20.67 0.83 16.57
C ILE A 75 -19.75 1.10 15.36
N PHE A 76 -18.65 0.35 15.31
CA PHE A 76 -17.62 0.48 14.28
C PHE A 76 -17.55 -0.74 13.37
N MET A 77 -17.65 -0.48 12.07
CA MET A 77 -17.24 -1.47 11.09
C MET A 77 -15.85 -1.07 10.61
N ILE A 78 -14.90 -1.97 10.74
CA ILE A 78 -13.52 -1.71 10.38
C ILE A 78 -13.06 -2.65 9.27
N ARG A 79 -12.51 -2.05 8.22
CA ARG A 79 -11.90 -2.81 7.12
C ARG A 79 -10.56 -3.38 7.54
N GLY A 80 -10.37 -4.68 7.27
CA GLY A 80 -9.24 -5.44 7.77
C GLY A 80 -7.83 -4.98 7.42
N GLU A 81 -7.65 -4.41 6.24
CA GLU A 81 -6.31 -3.91 5.91
C GLU A 81 -5.86 -2.77 6.83
N ASN A 82 -6.79 -2.13 7.51
CA ASN A 82 -6.42 -1.06 8.43
C ASN A 82 -6.01 -1.52 9.84
N VAL A 83 -6.08 -2.81 10.08
CA VAL A 83 -5.68 -3.39 11.35
C VAL A 83 -4.21 -3.79 11.43
N VAL A 84 -3.59 -3.43 12.53
CA VAL A 84 -2.27 -3.87 12.84
C VAL A 84 -2.34 -5.08 13.74
N MET A 85 -2.95 -4.95 14.89
CA MET A 85 -3.15 -6.05 15.78
C MET A 85 -4.36 -5.87 16.68
N LEU A 86 -4.86 -6.97 17.17
CA LEU A 86 -5.91 -6.97 18.13
C LEU A 86 -5.76 -8.13 19.10
N GLY A 87 -6.44 -8.03 20.24
CA GLY A 87 -6.35 -9.06 21.24
C GLY A 87 -7.34 -8.89 22.37
N GLU A 88 -7.77 -10.01 22.90
CA GLU A 88 -8.71 -10.06 24.02
C GLU A 88 -8.08 -9.40 25.22
N VAL A 89 -8.89 -8.63 25.93
CA VAL A 89 -8.41 -7.79 27.01
C VAL A 89 -9.35 -8.03 28.21
N ASP A 90 -8.90 -7.74 29.43
CA ASP A 90 -9.84 -7.71 30.58
C ASP A 90 -10.03 -6.26 30.97
N ILE A 91 -11.22 -5.73 30.66
CA ILE A 91 -11.50 -4.30 30.82
C ILE A 91 -11.24 -3.81 32.23
N ASP A 92 -11.82 -4.51 33.20
CA ASP A 92 -11.61 -4.20 34.61
C ASP A 92 -10.13 -4.15 34.96
N LYS A 93 -9.35 -5.14 34.53
CA LYS A 93 -7.90 -5.14 34.79
C LYS A 93 -7.17 -3.94 34.16
N GLU A 94 -7.60 -3.51 32.98
CA GLU A 94 -6.92 -2.40 32.32
C GLU A 94 -7.32 -1.04 32.91
N ASP A 95 -8.38 -1.05 33.70
CA ASP A 95 -8.78 0.13 34.43
C ASP A 95 -7.77 0.51 35.46
N GLN A 96 -7.18 -0.46 36.12
CA GLN A 96 -6.43 -0.18 37.30
C GLN A 96 -5.30 0.76 37.06
N PRO A 97 -4.57 0.61 35.97
CA PRO A 97 -3.49 1.54 35.66
C PRO A 97 -4.00 2.93 35.42
N LEU A 98 -5.19 3.04 34.87
CA LEU A 98 -5.86 4.31 34.66
C LEU A 98 -6.15 5.02 35.96
N GLU A 99 -6.48 4.27 37.00
CA GLU A 99 -6.86 4.85 38.28
C GLU A 99 -5.76 5.73 38.81
N ALA A 100 -4.51 5.35 38.59
CA ALA A 100 -3.39 6.18 39.04
C ALA A 100 -3.02 7.23 38.02
N MET A 101 -3.82 7.37 36.96
CA MET A 101 -3.52 8.31 35.89
C MET A 101 -4.51 9.46 35.82
N GLU A 102 -4.03 10.61 35.34
CA GLU A 102 -4.85 11.80 35.16
C GLU A 102 -5.55 11.82 33.81
N ARG A 103 -6.89 11.75 33.82
CA ARG A 103 -7.65 11.80 32.58
C ARG A 103 -7.75 13.23 32.05
N ILE A 104 -7.30 13.44 30.83
CA ILE A 104 -7.42 14.74 30.16
C ILE A 104 -8.50 14.71 29.07
N PRO A 105 -8.93 15.89 28.58
CA PRO A 105 -9.97 15.88 27.55
C PRO A 105 -9.47 15.26 26.26
N PHE A 106 -10.36 14.59 25.54
CA PHE A 106 -9.95 13.89 24.34
C PHE A 106 -9.37 14.83 23.28
N LYS A 107 -9.99 16.00 23.12
CA LYS A 107 -9.52 17.00 22.15
C LYS A 107 -8.07 17.40 22.42
N GLU A 108 -7.75 17.69 23.67
CA GLU A 108 -6.37 18.04 24.03
C GLU A 108 -5.38 16.90 23.72
N ALA A 109 -5.79 15.67 24.00
CA ALA A 109 -4.94 14.51 23.81
C ALA A 109 -4.76 14.22 22.32
N TRP A 110 -5.85 14.32 21.57
CA TRP A 110 -5.86 14.14 20.14
C TRP A 110 -4.93 15.14 19.49
N LEU A 111 -4.91 16.35 20.04
CA LEU A 111 -4.12 17.41 19.45
C LEU A 111 -2.65 17.17 19.75
N THR A 112 -2.37 16.72 20.96
CA THR A 112 -1.03 16.30 21.32
C THR A 112 -0.59 15.19 20.37
N LYS A 113 -1.43 14.18 20.21
CA LYS A 113 -1.08 13.03 19.37
C LYS A 113 -0.81 13.44 17.90
N GLN A 114 -1.65 14.35 17.39
CA GLN A 114 -1.44 14.88 16.05
C GLN A 114 -0.12 15.63 15.96
N LYS A 115 0.26 16.29 17.05
CA LYS A 115 1.55 16.97 17.07
C LYS A 115 2.69 15.98 16.91
N ASN A 116 2.61 14.87 17.65
CA ASN A 116 3.63 13.84 17.56
C ASN A 116 3.69 13.12 16.21
N ASP A 117 2.53 12.92 15.59
CA ASP A 117 2.46 12.28 14.29
C ASP A 117 3.16 13.16 13.25
N GLU A 118 2.86 14.47 13.32
CA GLU A 118 3.46 15.48 12.46
C GLU A 118 4.98 15.44 12.51
N LYS A 119 5.51 15.29 13.72
CA LYS A 119 6.94 15.27 13.94
C LYS A 119 7.53 14.07 13.26
N ARG A 120 6.95 12.90 13.51
CA ARG A 120 7.39 11.67 12.87
C ARG A 120 7.39 11.83 11.35
N PHE A 121 6.25 12.18 10.77
CA PHE A 121 6.14 12.35 9.33
C PHE A 121 7.20 13.30 8.73
N LYS A 122 7.45 14.43 9.38
CA LYS A 122 8.43 15.38 8.87
C LYS A 122 9.86 14.85 9.01
N GLU A 123 10.12 14.11 10.08
CA GLU A 123 11.41 13.43 10.24
C GLU A 123 11.61 12.33 9.19
N GLU A 124 10.51 11.68 8.81
CA GLU A 124 10.59 10.60 7.82
C GLU A 124 10.69 11.13 6.39
N THR A 125 10.12 12.29 6.11
CA THR A 125 10.31 12.86 4.77
C THR A 125 11.71 13.46 4.69
N HIS A 126 12.21 13.98 5.80
CA HIS A 126 13.56 14.51 5.85
C HIS A 126 14.58 13.39 5.61
N LYS A 127 14.41 12.26 6.29
CA LYS A 127 15.27 11.10 6.09
C LYS A 127 15.25 10.59 4.64
N GLY A 128 14.06 10.58 4.04
CA GLY A 128 13.90 10.13 2.67
C GLY A 128 14.58 11.04 1.67
N LYS A 129 14.53 12.34 1.93
CA LYS A 129 15.14 13.32 1.03
C LYS A 129 16.67 13.30 1.11
N LYS A 130 17.20 13.16 2.33
CA LYS A 130 18.65 13.08 2.52
C LYS A 130 19.25 11.82 1.92
N MET A 131 18.68 10.67 2.25
CA MET A 131 19.13 9.39 1.72
C MET A 131 19.05 9.30 0.19
N ALA A 132 18.11 10.03 -0.39
CA ALA A 132 17.98 10.06 -1.84
C ALA A 132 19.19 10.73 -2.49
N ARG A 133 19.72 11.76 -1.84
CA ARG A 133 20.92 12.46 -2.32
C ARG A 133 22.14 11.56 -2.28
N HIS A 134 22.03 10.46 -1.54
CA HIS A 134 23.09 9.44 -1.50
C HIS A 134 22.68 8.22 -2.31
N GLY A 135 21.57 8.33 -3.03
CA GLY A 135 21.10 7.26 -3.88
C GLY A 135 20.16 6.27 -3.22
N ILE A 136 20.28 6.13 -1.90
CA ILE A 136 19.41 5.25 -1.13
C ILE A 136 17.96 5.68 -1.20
N VAL A 137 17.09 4.75 -1.55
CA VAL A 137 15.67 5.03 -1.46
C VAL A 137 15.12 4.57 -0.11
N TYR A 138 14.52 5.50 0.63
CA TYR A 138 13.85 5.18 1.86
C TYR A 138 12.38 4.99 1.51
N ASP A 139 12.07 3.89 0.88
CA ASP A 139 10.74 3.78 0.43
C ASP A 139 10.06 3.90 1.76
N PHE A 140 9.05 4.75 1.82
CA PHE A 140 8.30 5.11 3.03
C PHE A 140 6.80 5.28 2.77
N HIS A 141 5.99 4.67 3.64
CA HIS A 141 4.53 4.72 3.51
C HIS A 141 3.89 5.74 4.43
N LYS A 142 3.22 6.72 3.85
CA LYS A 142 2.59 7.81 4.59
C LYS A 142 1.49 7.28 5.50
N SER A 143 0.89 6.15 5.10
CA SER A 143 -0.21 5.56 5.86
C SER A 143 0.25 4.85 7.15
N ASP A 144 1.50 4.40 7.18
CA ASP A 144 2.02 3.66 8.34
C ASP A 144 2.44 4.56 9.50
N MET A 145 1.45 5.13 10.19
CA MET A 145 1.73 6.02 11.31
C MET A 145 1.82 5.31 12.66
N TYR A 146 1.40 4.05 12.69
CA TYR A 146 1.59 3.23 13.90
C TYR A 146 3.06 2.99 14.21
N SER B 1 6.51 -39.22 -3.46
CA SER B 1 7.33 -38.54 -2.46
C SER B 1 6.61 -37.30 -1.93
N GLU B 2 6.29 -37.31 -0.63
CA GLU B 2 5.46 -36.25 -0.04
C GLU B 2 6.14 -35.37 0.99
N ASN B 3 6.08 -34.07 0.72
CA ASN B 3 6.74 -33.03 1.51
C ASN B 3 5.69 -32.32 2.36
N LEU B 4 5.88 -32.31 3.67
CA LEU B 4 4.93 -31.67 4.58
C LEU B 4 4.85 -30.15 4.39
N TYR B 5 5.91 -29.55 3.88
CA TYR B 5 5.94 -28.15 3.52
C TYR B 5 5.29 -27.90 2.18
N PHE B 6 4.75 -28.92 1.56
CA PHE B 6 4.06 -28.76 0.29
C PHE B 6 2.74 -29.53 0.21
N GLN B 7 1.63 -28.83 0.28
CA GLN B 7 0.34 -29.48 0.31
C GLN B 7 -0.51 -29.27 -0.92
N GLY B 8 0.07 -28.64 -1.94
CA GLY B 8 -0.66 -28.26 -3.11
C GLY B 8 -0.09 -27.02 -3.70
N SER B 9 -0.71 -26.48 -4.72
CA SER B 9 -0.06 -25.44 -5.50
C SER B 9 0.32 -24.13 -4.81
N GLY B 10 -0.57 -23.53 -4.05
CA GLY B 10 -0.34 -22.18 -3.57
C GLY B 10 0.02 -21.98 -2.12
N SER B 11 0.36 -23.04 -1.42
CA SER B 11 0.34 -23.04 0.03
C SER B 11 1.68 -23.27 0.72
N LEU B 12 2.78 -23.02 0.01
CA LEU B 12 4.12 -23.27 0.58
C LEU B 12 4.31 -22.64 1.95
N PHE B 13 4.18 -21.33 2.04
CA PHE B 13 4.45 -20.68 3.32
C PHE B 13 3.29 -20.93 4.29
N PHE B 14 2.12 -21.23 3.78
CA PHE B 14 1.01 -21.58 4.65
C PHE B 14 1.30 -22.93 5.32
N SER B 15 1.78 -23.90 4.54
CA SER B 15 2.12 -25.20 5.08
C SER B 15 3.35 -25.04 5.96
N PHE B 16 4.22 -24.10 5.62
CA PHE B 16 5.42 -23.93 6.41
C PHE B 16 5.10 -23.51 7.83
N PHE B 17 4.22 -22.52 7.97
CA PHE B 17 3.90 -22.00 9.30
C PHE B 17 3.07 -22.95 10.16
N LYS B 18 2.14 -23.68 9.54
CA LYS B 18 1.34 -24.67 10.28
C LYS B 18 2.25 -25.68 11.00
N THR B 19 3.44 -25.83 10.44
CA THR B 19 4.50 -26.67 10.98
C THR B 19 5.17 -26.03 12.20
N LEU B 20 5.06 -24.72 12.32
CA LEU B 20 5.69 -23.97 13.41
C LEU B 20 4.73 -23.70 14.58
N VAL B 21 3.53 -24.26 14.50
CA VAL B 21 2.55 -24.07 15.57
C VAL B 21 3.10 -24.67 16.86
N ASP B 22 2.93 -23.93 17.96
CA ASP B 22 3.37 -24.33 19.30
C ASP B 22 4.86 -24.09 19.55
N GLN B 23 5.50 -23.42 18.60
CA GLN B 23 6.90 -23.03 18.74
C GLN B 23 7.00 -21.57 19.13
N GLU B 24 8.02 -21.25 19.92
CA GLU B 24 8.28 -19.89 20.32
C GLU B 24 8.98 -19.13 19.20
N VAL B 25 8.36 -18.07 18.71
CA VAL B 25 8.97 -17.24 17.68
C VAL B 25 9.05 -15.80 18.11
N VAL B 26 9.74 -14.99 17.31
CA VAL B 26 9.70 -13.56 17.53
C VAL B 26 9.25 -12.88 16.26
N VAL B 27 8.16 -12.13 16.36
CA VAL B 27 7.63 -11.38 15.21
C VAL B 27 8.00 -9.90 15.32
N GLU B 28 8.64 -9.38 14.27
CA GLU B 28 9.00 -7.98 14.20
C GLU B 28 8.13 -7.32 13.15
N LEU B 29 7.62 -6.14 13.46
CA LEU B 29 6.65 -5.50 12.60
C LEU B 29 7.32 -4.39 11.84
N LYS B 30 6.61 -3.84 10.87
CA LYS B 30 7.19 -2.77 10.06
C LYS B 30 7.52 -1.50 10.88
N ASN B 31 6.86 -1.34 12.01
CA ASN B 31 7.11 -0.21 12.87
C ASN B 31 8.19 -0.44 13.94
N ASP B 32 8.79 -1.62 13.93
CA ASP B 32 9.93 -2.01 14.76
C ASP B 32 9.64 -2.68 16.08
N ILE B 33 8.38 -2.77 16.45
CA ILE B 33 7.99 -3.46 17.65
C ILE B 33 8.25 -4.91 17.49
N GLU B 34 8.88 -5.52 18.47
CA GLU B 34 9.11 -6.96 18.44
C GLU B 34 8.25 -7.69 19.47
N ILE B 35 7.67 -8.80 19.07
CA ILE B 35 6.76 -9.54 19.94
C ILE B 35 7.11 -11.03 20.02
N LYS B 36 7.52 -11.47 21.20
CA LYS B 36 7.84 -12.88 21.43
C LYS B 36 6.60 -13.62 21.87
N GLY B 37 6.37 -14.79 21.32
CA GLY B 37 5.16 -15.54 21.65
C GLY B 37 5.18 -16.94 21.09
N THR B 38 4.12 -17.68 21.36
CA THR B 38 3.99 -19.04 20.88
C THR B 38 3.00 -19.01 19.75
N LEU B 39 3.41 -19.49 18.59
CA LEU B 39 2.50 -19.52 17.46
C LEU B 39 1.35 -20.47 17.73
N GLN B 40 0.13 -19.93 17.64
CA GLN B 40 -1.04 -20.72 17.91
C GLN B 40 -1.78 -21.00 16.61
N SER B 41 -1.66 -20.08 15.68
CA SER B 41 -2.36 -20.24 14.41
C SER B 41 -1.73 -19.43 13.31
N VAL B 42 -2.06 -19.81 12.08
CA VAL B 42 -1.69 -19.04 10.90
C VAL B 42 -2.79 -19.28 9.87
N ASP B 43 -3.00 -18.34 8.95
CA ASP B 43 -4.00 -18.56 7.90
C ASP B 43 -3.37 -18.42 6.51
N GLN B 44 -4.17 -18.62 5.47
CA GLN B 44 -3.66 -18.53 4.09
C GLN B 44 -3.05 -17.15 3.73
N PHE B 45 -3.36 -16.11 4.50
CA PHE B 45 -2.77 -14.80 4.22
C PHE B 45 -1.56 -14.54 5.09
N LEU B 46 -1.18 -15.55 5.88
CA LEU B 46 -0.07 -15.43 6.83
C LEU B 46 -0.29 -14.38 7.94
N ASN B 47 -1.55 -14.20 8.36
CA ASN B 47 -1.82 -13.52 9.62
C ASN B 47 -1.42 -14.47 10.77
N LEU B 48 -0.89 -13.89 11.84
CA LEU B 48 -0.39 -14.68 12.96
C LEU B 48 -1.19 -14.45 14.26
N LYS B 49 -1.51 -15.55 14.93
CA LYS B 49 -2.06 -15.50 16.26
C LYS B 49 -1.02 -16.06 17.23
N LEU B 50 -0.47 -15.19 18.06
CA LEU B 50 0.52 -15.55 19.07
C LEU B 50 -0.12 -15.77 20.44
N ASP B 51 0.17 -16.87 21.10
CA ASP B 51 -0.27 -17.12 22.45
C ASP B 51 0.83 -16.67 23.42
N ASN B 52 0.46 -16.35 24.65
CA ASN B 52 1.44 -16.08 25.70
C ASN B 52 2.55 -15.07 25.41
N ILE B 53 2.16 -13.90 24.99
CA ILE B 53 3.08 -12.88 24.49
C ILE B 53 3.93 -12.09 25.46
N SER B 54 4.97 -11.47 24.95
CA SER B 54 5.76 -10.51 25.64
C SER B 54 6.25 -9.57 24.58
N CYS B 55 6.33 -8.29 24.89
CA CYS B 55 6.52 -7.27 23.89
C CYS B 55 7.65 -6.41 24.32
N THR B 56 8.22 -5.71 23.39
CA THR B 56 9.22 -4.72 23.72
C THR B 56 8.46 -3.45 23.84
N ASP B 57 8.34 -2.90 25.03
CA ASP B 57 7.42 -1.80 25.17
C ASP B 57 7.92 -0.52 24.54
N GLU B 58 6.97 0.37 24.28
CA GLU B 58 7.17 1.58 23.50
C GLU B 58 6.68 2.78 24.29
N LYS B 59 7.27 3.94 24.01
CA LYS B 59 6.84 5.20 24.59
C LYS B 59 5.44 5.52 24.08
N LYS B 60 5.16 5.10 22.86
CA LYS B 60 3.89 5.39 22.23
C LYS B 60 2.73 4.61 22.84
N TYR B 61 2.97 3.32 23.07
CA TYR B 61 1.90 2.38 23.36
C TYR B 61 1.94 1.88 24.80
N PRO B 62 0.75 1.73 25.39
CA PRO B 62 0.70 1.27 26.78
C PRO B 62 1.02 -0.21 26.88
N HIS B 63 1.61 -0.60 27.99
CA HIS B 63 1.66 -2.01 28.29
C HIS B 63 0.23 -2.39 28.71
N LEU B 64 -0.29 -3.48 28.15
CA LEU B 64 -1.62 -3.96 28.50
C LEU B 64 -1.51 -5.35 29.11
N GLY B 65 -1.39 -5.38 30.44
CA GLY B 65 -1.06 -6.58 31.18
C GLY B 65 -2.02 -7.74 31.04
N SER B 66 -3.28 -7.45 30.73
CA SER B 66 -4.27 -8.51 30.62
C SER B 66 -4.24 -9.22 29.27
N VAL B 67 -3.52 -8.66 28.31
CA VAL B 67 -3.47 -9.26 26.96
C VAL B 67 -2.59 -10.50 26.98
N ARG B 68 -3.14 -11.66 26.65
CA ARG B 68 -2.32 -12.87 26.59
C ARG B 68 -2.06 -13.37 25.17
N ASN B 69 -3.01 -13.11 24.28
CA ASN B 69 -2.94 -13.58 22.91
C ASN B 69 -3.32 -12.47 21.93
N ILE B 70 -2.46 -12.23 20.94
CA ILE B 70 -2.77 -11.24 19.91
C ILE B 70 -2.83 -11.81 18.51
N PHE B 71 -3.70 -11.19 17.72
CA PHE B 71 -3.78 -11.43 16.31
C PHE B 71 -2.90 -10.38 15.70
N ILE B 72 -2.11 -10.79 14.71
CA ILE B 72 -1.20 -9.89 14.03
C ILE B 72 -1.50 -9.97 12.56
N ARG B 73 -1.70 -8.81 11.97
CA ARG B 73 -2.04 -8.70 10.57
C ARG B 73 -0.78 -9.03 9.71
N GLY B 74 -0.91 -9.97 8.80
CA GLY B 74 0.25 -10.47 8.10
C GLY B 74 0.98 -9.39 7.35
N SER B 75 0.27 -8.51 6.70
CA SER B 75 0.84 -7.43 5.97
C SER B 75 1.58 -6.40 6.80
N THR B 76 1.43 -6.44 8.10
CA THR B 76 2.24 -5.60 8.98
C THR B 76 3.55 -6.21 9.52
N VAL B 77 3.81 -7.47 9.27
CA VAL B 77 5.01 -8.13 9.71
C VAL B 77 6.19 -7.82 8.81
N ARG B 78 7.36 -7.61 9.37
CA ARG B 78 8.57 -7.56 8.58
C ARG B 78 9.38 -8.84 8.61
N TYR B 79 9.66 -9.33 9.78
CA TYR B 79 10.42 -10.52 9.96
C TYR B 79 9.75 -11.43 10.92
N VAL B 80 9.91 -12.72 10.73
CA VAL B 80 9.62 -13.66 11.81
C VAL B 80 10.90 -14.45 12.14
N TYR B 81 11.51 -14.17 13.28
CA TYR B 81 12.73 -14.85 13.68
C TYR B 81 12.43 -16.25 14.22
N LEU B 82 13.18 -17.24 13.76
CA LEU B 82 13.06 -18.61 14.25
C LEU B 82 14.41 -19.23 14.58
N ASN B 83 14.35 -20.46 15.05
CA ASN B 83 15.54 -21.30 15.23
C ASN B 83 15.73 -22.29 14.08
N LYS B 84 16.99 -22.52 13.72
CA LYS B 84 17.33 -23.53 12.71
C LYS B 84 16.74 -24.89 13.08
N ASN B 85 16.63 -25.15 14.37
CA ASN B 85 16.03 -26.38 14.90
C ASN B 85 14.63 -26.65 14.37
N MET B 86 13.93 -25.58 14.01
CA MET B 86 12.49 -25.66 13.74
C MET B 86 12.16 -26.10 12.32
N VAL B 87 13.18 -26.12 11.46
CA VAL B 87 12.93 -26.34 10.04
C VAL B 87 13.88 -27.35 9.38
N ASP B 88 13.31 -28.24 8.57
CA ASP B 88 14.08 -29.09 7.68
C ASP B 88 14.34 -28.33 6.38
N THR B 89 15.55 -27.80 6.24
CA THR B 89 15.89 -27.01 5.06
C THR B 89 15.99 -27.83 3.77
N ASN B 90 16.14 -29.15 3.90
CA ASN B 90 16.07 -30.02 2.73
C ASN B 90 14.67 -30.02 2.16
N LEU B 91 13.68 -30.23 3.03
CA LEU B 91 12.28 -30.21 2.61
C LEU B 91 11.83 -28.82 2.10
N LEU B 92 12.39 -27.78 2.68
CA LEU B 92 12.02 -26.42 2.31
C LEU B 92 12.52 -26.10 0.91
N GLN B 93 13.77 -26.45 0.64
CA GLN B 93 14.32 -26.26 -0.70
C GLN B 93 13.56 -27.13 -1.70
N ASP B 94 13.22 -28.35 -1.29
CA ASP B 94 12.45 -29.23 -2.17
C ASP B 94 11.06 -28.68 -2.46
N ALA B 95 10.36 -28.23 -1.40
CA ALA B 95 9.01 -27.69 -1.52
C ALA B 95 8.96 -26.53 -2.48
N THR B 96 9.95 -25.63 -2.34
CA THR B 96 10.12 -24.48 -3.20
C THR B 96 10.20 -24.92 -4.67
N ARG B 97 10.99 -25.93 -4.96
CA ARG B 97 11.07 -26.47 -6.31
C ARG B 97 9.73 -26.99 -6.79
N ARG B 98 8.98 -27.65 -5.90
CA ARG B 98 7.62 -28.07 -6.21
C ARG B 98 6.71 -26.86 -6.50
N GLU B 99 6.86 -25.80 -5.71
CA GLU B 99 6.06 -24.60 -5.92
C GLU B 99 6.46 -23.95 -7.25
N VAL B 100 7.76 -23.79 -7.49
CA VAL B 100 8.25 -23.23 -8.76
C VAL B 100 7.73 -24.03 -9.96
N MET B 101 7.66 -25.36 -9.82
CA MET B 101 7.08 -26.22 -10.84
C MET B 101 5.66 -25.80 -11.18
N THR B 102 4.88 -25.51 -10.14
CA THR B 102 3.49 -25.09 -10.31
C THR B 102 3.37 -23.63 -10.78
N GLU B 103 4.01 -22.71 -10.07
CA GLU B 103 3.80 -21.26 -10.27
C GLU B 103 4.16 -20.75 -11.68
N ARG B 104 5.12 -21.40 -12.34
CA ARG B 104 5.44 -21.06 -13.70
C ARG B 104 4.25 -21.35 -14.61
N LYS B 105 3.43 -22.30 -14.19
CA LYS B 105 2.18 -22.65 -14.86
C LYS B 105 2.36 -22.93 -16.35
N MET C 1 10.81 -20.95 -21.95
CA MET C 1 11.99 -20.24 -21.47
C MET C 1 12.10 -20.33 -19.94
N GLU C 2 13.30 -20.06 -19.44
CA GLU C 2 13.50 -19.91 -18.00
C GLU C 2 12.77 -18.65 -17.54
N THR C 3 11.83 -18.81 -16.61
CA THR C 3 11.13 -17.66 -16.05
C THR C 3 12.01 -17.09 -14.95
N PRO C 4 11.71 -15.86 -14.47
CA PRO C 4 12.55 -15.32 -13.38
C PRO C 4 12.50 -16.20 -12.13
N LEU C 5 11.36 -16.82 -11.84
CA LEU C 5 11.30 -17.80 -10.74
C LEU C 5 12.28 -18.97 -10.96
N ASP C 6 12.30 -19.54 -12.17
CA ASP C 6 13.22 -20.67 -12.47
C ASP C 6 14.66 -20.29 -12.22
N LEU C 7 15.03 -19.09 -12.65
CA LEU C 7 16.37 -18.55 -12.44
C LEU C 7 16.70 -18.34 -10.96
N LEU C 8 15.71 -17.90 -10.18
CA LEU C 8 15.92 -17.66 -8.75
C LEU C 8 16.14 -18.96 -7.97
N LYS C 9 15.43 -20.02 -8.32
CA LYS C 9 15.66 -21.30 -7.65
C LYS C 9 17.12 -21.82 -7.83
N LEU C 10 17.82 -21.31 -8.85
CA LEU C 10 19.24 -21.63 -9.02
C LEU C 10 20.09 -21.13 -7.85
N ASN C 11 19.57 -20.15 -7.11
CA ASN C 11 20.28 -19.62 -5.95
C ASN C 11 19.93 -20.31 -4.65
N LEU C 12 19.01 -21.27 -4.69
CA LEU C 12 18.63 -21.98 -3.47
C LEU C 12 19.89 -22.59 -2.85
N ASP C 13 20.00 -22.47 -1.53
CA ASP C 13 21.16 -22.93 -0.76
C ASP C 13 22.43 -22.10 -0.95
N GLU C 14 22.31 -20.97 -1.66
CA GLU C 14 23.45 -20.10 -1.89
C GLU C 14 23.29 -18.78 -1.15
N ARG C 15 24.39 -18.04 -0.97
CA ARG C 15 24.33 -16.75 -0.34
C ARG C 15 23.65 -15.74 -1.25
N VAL C 16 22.59 -15.09 -0.75
CA VAL C 16 21.93 -14.05 -1.53
C VAL C 16 22.00 -12.68 -0.88
N TYR C 17 21.81 -11.67 -1.70
CA TYR C 17 21.74 -10.30 -1.24
C TYR C 17 20.34 -9.80 -1.58
N ILE C 18 19.67 -9.26 -0.56
CA ILE C 18 18.30 -8.80 -0.69
C ILE C 18 18.22 -7.35 -0.25
N LYS C 19 17.58 -6.53 -1.07
CA LYS C 19 17.32 -5.15 -0.71
C LYS C 19 15.87 -4.90 -0.28
N LEU C 20 15.70 -4.26 0.87
CA LEU C 20 14.36 -4.00 1.44
C LEU C 20 14.03 -2.52 1.45
N ARG C 21 12.74 -2.23 1.32
CA ARG C 21 12.22 -0.90 1.59
C ARG C 21 12.69 -0.47 2.98
N GLY C 22 12.95 0.82 3.13
CA GLY C 22 13.33 1.36 4.41
C GLY C 22 14.82 1.32 4.66
N ALA C 23 15.61 1.50 3.58
CA ALA C 23 17.06 1.56 3.68
C ALA C 23 17.67 0.41 4.50
N ARG C 24 17.31 -0.82 4.16
CA ARG C 24 17.83 -2.01 4.84
C ARG C 24 18.24 -3.05 3.81
N THR C 25 19.29 -3.80 4.11
CA THR C 25 19.72 -4.88 3.23
C THR C 25 20.06 -6.13 4.02
N LEU C 26 19.84 -7.28 3.41
CA LEU C 26 20.18 -8.55 4.04
C LEU C 26 21.17 -9.36 3.19
N VAL C 27 21.92 -10.21 3.87
CA VAL C 27 22.70 -11.24 3.20
C VAL C 27 22.49 -12.53 3.95
N GLY C 28 22.22 -13.60 3.24
CA GLY C 28 21.96 -14.87 3.89
C GLY C 28 21.84 -15.98 2.89
N THR C 29 21.51 -17.14 3.37
CA THR C 29 21.50 -18.32 2.56
C THR C 29 20.06 -18.67 2.24
N LEU C 30 19.73 -18.74 0.97
CA LEU C 30 18.36 -18.78 0.59
C LEU C 30 17.75 -20.16 0.72
N GLN C 31 16.84 -20.32 1.67
CA GLN C 31 16.16 -21.58 1.87
C GLN C 31 14.86 -21.78 1.16
N ALA C 32 14.12 -20.73 0.95
CA ALA C 32 12.82 -20.87 0.30
C ALA C 32 12.32 -19.53 -0.22
N PHE C 33 11.32 -19.60 -1.09
CA PHE C 33 10.62 -18.42 -1.58
C PHE C 33 9.36 -18.87 -2.30
N ASP C 34 8.39 -17.95 -2.42
CA ASP C 34 7.21 -18.16 -3.25
C ASP C 34 7.10 -17.10 -4.33
N SER C 35 6.02 -17.18 -5.11
CA SER C 35 5.75 -16.20 -6.15
C SER C 35 5.38 -14.83 -5.60
N HIS C 36 5.21 -14.71 -4.29
CA HIS C 36 4.95 -13.41 -3.70
C HIS C 36 6.23 -12.80 -3.14
N CYS C 37 7.34 -13.53 -3.25
CA CYS C 37 8.63 -13.09 -2.76
C CYS C 37 8.76 -13.15 -1.22
N ASN C 38 7.85 -13.87 -0.55
CA ASN C 38 8.14 -14.23 0.82
C ASN C 38 9.40 -15.09 0.74
N ILE C 39 10.26 -15.01 1.75
CA ILE C 39 11.54 -15.69 1.69
C ILE C 39 11.97 -16.21 3.05
N VAL C 40 12.56 -17.39 3.06
CA VAL C 40 13.31 -17.84 4.22
C VAL C 40 14.84 -17.79 4.01
N LEU C 41 15.52 -17.01 4.85
CA LEU C 41 16.98 -16.91 4.87
C LEU C 41 17.61 -17.51 6.13
N SER C 42 18.67 -18.29 5.96
CA SER C 42 19.47 -18.77 7.10
C SER C 42 20.80 -18.01 7.24
N ASP C 43 21.34 -18.00 8.45
CA ASP C 43 22.54 -17.24 8.78
C ASP C 43 22.58 -15.87 8.15
N ALA C 44 21.53 -15.09 8.42
CA ALA C 44 21.39 -13.80 7.78
C ALA C 44 22.15 -12.74 8.53
N VAL C 45 22.44 -11.64 7.83
CA VAL C 45 23.09 -10.49 8.42
C VAL C 45 22.37 -9.28 7.89
N GLU C 46 21.68 -8.58 8.78
CA GLU C 46 20.93 -7.37 8.41
C GLU C 46 21.81 -6.14 8.57
N THR C 47 21.53 -5.12 7.77
CA THR C 47 22.31 -3.88 7.77
C THR C 47 21.33 -2.73 7.65
N ILE C 48 21.29 -1.88 8.66
CA ILE C 48 20.34 -0.79 8.68
C ILE C 48 21.07 0.52 8.41
N TYR C 49 20.57 1.30 7.45
CA TYR C 49 21.22 2.54 7.11
C TYR C 49 20.53 3.72 7.81
N GLN C 50 21.33 4.52 8.51
CA GLN C 50 20.77 5.62 9.30
C GLN C 50 21.43 6.97 9.04
N LEU C 51 20.73 8.02 9.43
CA LEU C 51 21.24 9.38 9.31
C LEU C 51 21.60 9.94 10.68
N ASN C 52 22.88 10.01 10.97
CA ASN C 52 23.32 10.74 12.11
C ASN C 52 23.48 12.15 11.59
N ASN C 53 22.48 12.98 11.86
CA ASN C 53 22.57 14.41 11.54
C ASN C 53 23.00 14.76 10.12
N GLU C 54 22.35 14.19 9.11
CA GLU C 54 22.78 14.47 7.73
C GLU C 54 24.10 13.78 7.34
N GLU C 55 24.44 12.70 8.03
CA GLU C 55 25.57 11.84 7.66
C GLU C 55 25.13 10.38 7.59
N LEU C 56 25.59 9.66 6.55
CA LEU C 56 25.18 8.27 6.34
C LEU C 56 25.90 7.27 7.24
N SER C 57 25.12 6.47 7.98
CA SER C 57 25.67 5.49 8.91
C SER C 57 24.95 4.15 8.87
N GLU C 58 25.60 3.12 9.39
CA GLU C 58 25.10 1.74 9.31
C GLU C 58 25.35 0.92 10.58
N SER C 59 24.51 -0.07 10.79
CA SER C 59 24.60 -0.95 11.95
C SER C 59 24.05 -2.31 11.52
N GLU C 60 24.35 -3.36 12.28
CA GLU C 60 24.01 -4.70 11.80
C GLU C 60 23.50 -5.65 12.87
N ARG C 61 22.60 -6.53 12.47
CA ARG C 61 22.11 -7.61 13.32
C ARG C 61 22.31 -8.94 12.61
N ARG C 62 22.40 -10.02 13.38
CA ARG C 62 22.61 -11.35 12.83
C ARG C 62 21.64 -12.35 13.44
N CYS C 63 21.20 -13.31 12.64
CA CYS C 63 20.22 -14.29 13.08
C CYS C 63 20.29 -15.58 12.31
N GLU C 64 19.87 -16.65 12.96
CA GLU C 64 19.95 -17.97 12.40
C GLU C 64 19.13 -18.30 11.19
N MET C 65 17.84 -18.00 11.31
CA MET C 65 16.77 -18.46 10.45
C MET C 65 15.72 -17.41 10.50
N VAL C 66 15.33 -16.91 9.38
CA VAL C 66 14.44 -15.77 9.34
C VAL C 66 13.45 -15.82 8.18
N PHE C 67 12.17 -15.66 8.49
CA PHE C 67 11.14 -15.46 7.47
C PHE C 67 11.09 -14.00 7.10
N ILE C 68 10.93 -13.72 5.82
CA ILE C 68 10.94 -12.35 5.36
C ILE C 68 9.70 -12.13 4.53
N ARG C 69 8.86 -11.17 4.92
CA ARG C 69 7.61 -10.95 4.19
C ARG C 69 7.89 -10.30 2.85
N GLY C 70 7.34 -10.90 1.80
CA GLY C 70 7.67 -10.50 0.44
C GLY C 70 7.45 -9.05 0.07
N ASP C 71 6.42 -8.43 0.62
CA ASP C 71 6.04 -7.09 0.18
C ASP C 71 7.10 -6.02 0.52
N THR C 72 8.06 -6.37 1.37
CA THR C 72 9.17 -5.46 1.68
C THR C 72 10.38 -5.60 0.70
N VAL C 73 10.39 -6.61 -0.16
CA VAL C 73 11.54 -6.89 -0.98
C VAL C 73 11.66 -6.05 -2.25
N THR C 74 12.78 -5.37 -2.41
CA THR C 74 13.01 -4.63 -3.63
C THR C 74 13.91 -5.29 -4.65
N LEU C 75 14.92 -6.02 -4.24
CA LEU C 75 15.71 -6.79 -5.17
C LEU C 75 16.43 -7.97 -4.62
N ILE C 76 16.69 -8.96 -5.45
CA ILE C 76 17.53 -10.07 -5.07
C ILE C 76 18.72 -10.25 -6.01
N SER C 77 19.88 -10.49 -5.44
CA SER C 77 21.09 -10.80 -6.17
C SER C 77 22.04 -11.64 -5.36
N THR C 78 23.32 -11.58 -5.66
CA THR C 78 24.32 -12.34 -4.93
C THR C 78 25.32 -11.47 -4.18
N PRO C 79 25.80 -11.95 -3.05
CA PRO C 79 26.52 -11.12 -2.07
C PRO C 79 27.75 -10.41 -2.63
N MET D 1 -17.01 -10.59 1.99
CA MET D 1 -18.28 -10.00 1.58
C MET D 1 -19.21 -9.75 2.78
N LEU D 2 -18.68 -9.98 3.98
CA LEU D 2 -19.38 -9.63 5.21
C LEU D 2 -19.72 -8.13 5.27
N PRO D 3 -18.76 -7.25 4.95
CA PRO D 3 -19.16 -5.83 5.01
C PRO D 3 -20.26 -5.47 4.00
N LEU D 4 -20.13 -5.95 2.77
CA LEU D 4 -21.13 -5.70 1.73
C LEU D 4 -22.55 -6.10 2.19
N TYR D 5 -22.65 -7.27 2.82
CA TYR D 5 -23.94 -7.80 3.26
C TYR D 5 -24.58 -6.96 4.37
N LEU D 6 -23.80 -6.61 5.38
CA LEU D 6 -24.37 -5.81 6.47
C LEU D 6 -24.83 -4.43 5.98
N LEU D 7 -24.06 -3.81 5.09
CA LEU D 7 -24.39 -2.48 4.59
C LEU D 7 -25.68 -2.44 3.78
N THR D 8 -25.90 -3.47 2.97
CA THR D 8 -27.10 -3.55 2.14
C THR D 8 -28.36 -3.61 3.01
N ASN D 9 -28.18 -3.92 4.29
CA ASN D 9 -29.27 -3.80 5.27
C ASN D 9 -29.33 -2.39 5.85
N ALA D 10 -28.24 -1.64 5.71
CA ALA D 10 -28.16 -0.30 6.26
C ALA D 10 -28.55 0.78 5.24
N LYS D 11 -29.00 0.35 4.06
CA LYS D 11 -29.51 1.29 3.05
C LYS D 11 -30.61 2.16 3.65
N GLY D 12 -30.55 3.45 3.36
CA GLY D 12 -31.51 4.39 3.90
C GLY D 12 -31.09 4.98 5.22
N GLN D 13 -30.05 4.41 5.83
CA GLN D 13 -29.62 4.87 7.15
C GLN D 13 -28.46 5.84 7.04
N GLN D 14 -28.33 6.74 8.00
CA GLN D 14 -27.19 7.64 8.01
C GLN D 14 -25.95 6.96 8.59
N MET D 15 -24.79 7.38 8.12
CA MET D 15 -23.52 6.87 8.61
C MET D 15 -22.40 7.88 8.53
N GLN D 16 -21.33 7.56 9.26
CA GLN D 16 -20.10 8.35 9.24
C GLN D 16 -18.97 7.48 8.70
N ILE D 17 -18.50 7.79 7.50
CA ILE D 17 -17.43 6.98 6.90
C ILE D 17 -16.13 7.76 6.98
N GLU D 18 -15.09 7.18 7.59
CA GLU D 18 -13.76 7.77 7.44
C GLU D 18 -12.90 7.10 6.35
N LEU D 19 -12.29 7.92 5.50
CA LEU D 19 -11.40 7.42 4.45
C LEU D 19 -9.99 7.27 5.00
N LYS D 20 -9.19 6.49 4.27
CA LYS D 20 -7.76 6.31 4.56
C LYS D 20 -6.96 7.61 4.77
N ASN D 21 -7.40 8.71 4.16
CA ASN D 21 -6.67 9.97 4.35
C ASN D 21 -7.18 10.82 5.53
N GLY D 22 -8.18 10.32 6.24
CA GLY D 22 -8.70 11.05 7.38
C GLY D 22 -9.91 11.91 7.06
N GLU D 23 -10.28 11.99 5.79
CA GLU D 23 -11.53 12.67 5.41
C GLU D 23 -12.73 11.90 5.96
N ILE D 24 -13.71 12.62 6.50
CA ILE D 24 -14.94 12.01 6.98
C ILE D 24 -16.10 12.35 6.06
N ILE D 25 -16.83 11.32 5.64
CA ILE D 25 -18.04 11.52 4.87
C ILE D 25 -19.24 11.00 5.67
N GLN D 26 -20.15 11.92 6.01
CA GLN D 26 -21.38 11.57 6.68
C GLN D 26 -22.53 11.74 5.71
N GLY D 27 -23.37 10.74 5.59
CA GLY D 27 -24.42 10.82 4.59
C GLY D 27 -25.42 9.70 4.75
N ILE D 28 -26.37 9.64 3.84
CA ILE D 28 -27.36 8.55 3.82
C ILE D 28 -26.97 7.52 2.77
N LEU D 29 -26.70 6.30 3.21
CA LEU D 29 -26.36 5.22 2.30
C LEU D 29 -27.54 4.97 1.37
N THR D 30 -27.29 5.05 0.07
CA THR D 30 -28.33 4.80 -0.91
C THR D 30 -28.00 3.56 -1.71
N ASN D 31 -26.73 3.20 -1.80
CA ASN D 31 -26.36 1.96 -2.51
C ASN D 31 -24.98 1.40 -2.15
N VAL D 32 -24.83 0.08 -2.29
CA VAL D 32 -23.60 -0.64 -2.00
C VAL D 32 -23.40 -1.68 -3.08
N ASP D 33 -22.15 -1.98 -3.44
CA ASP D 33 -21.90 -3.08 -4.39
C ASP D 33 -20.96 -4.16 -3.83
N ASN D 34 -20.78 -5.24 -4.60
CA ASN D 34 -20.00 -6.40 -4.18
C ASN D 34 -18.55 -6.10 -3.75
N TRP D 35 -18.03 -4.96 -4.21
CA TRP D 35 -16.66 -4.58 -3.87
C TRP D 35 -16.67 -3.53 -2.77
N MET D 36 -17.86 -3.29 -2.22
CA MET D 36 -18.06 -2.31 -1.17
C MET D 36 -17.90 -0.85 -1.61
N ASN D 37 -18.05 -0.58 -2.91
CA ASN D 37 -18.23 0.80 -3.37
C ASN D 37 -19.56 1.36 -2.83
N LEU D 38 -19.60 2.66 -2.50
CA LEU D 38 -20.81 3.27 -1.91
C LEU D 38 -21.27 4.55 -2.58
N THR D 39 -22.58 4.70 -2.72
CA THR D 39 -23.16 5.99 -3.05
C THR D 39 -23.97 6.48 -1.85
N LEU D 40 -23.69 7.71 -1.42
CA LEU D 40 -24.47 8.36 -0.38
C LEU D 40 -25.17 9.61 -0.88
N SER D 41 -26.25 9.98 -0.20
CA SER D 41 -26.98 11.20 -0.50
C SER D 41 -26.91 12.04 0.75
N ASN D 42 -27.36 13.29 0.64
CA ASN D 42 -27.42 14.18 1.80
C ASN D 42 -26.11 14.21 2.56
N VAL D 43 -25.03 14.58 1.89
CA VAL D 43 -23.73 14.31 2.49
C VAL D 43 -23.06 15.55 3.02
N THR D 44 -22.28 15.37 4.07
CA THR D 44 -21.54 16.47 4.64
C THR D 44 -20.16 15.92 4.83
N GLU D 45 -19.14 16.67 4.41
CA GLU D 45 -17.78 16.18 4.39
C GLU D 45 -16.85 17.13 5.17
N TYR D 46 -16.02 16.54 6.03
CA TYR D 46 -15.14 17.27 6.92
C TYR D 46 -14.01 16.35 7.34
N SER D 47 -13.00 16.85 8.04
CA SER D 47 -11.92 15.98 8.49
C SER D 47 -12.10 15.54 9.94
N GLU D 48 -11.44 14.46 10.34
CA GLU D 48 -11.33 14.13 11.75
C GLU D 48 -10.75 15.32 12.52
N GLU D 49 -9.79 16.01 11.91
CA GLU D 49 -9.17 17.19 12.53
C GLU D 49 -10.19 18.28 12.86
N SER D 50 -11.14 18.49 11.96
CA SER D 50 -12.12 19.54 12.15
C SER D 50 -13.18 19.11 13.15
N ALA D 51 -13.57 17.84 13.09
CA ALA D 51 -14.57 17.31 13.99
C ALA D 51 -14.05 17.30 15.43
N ILE D 52 -12.78 16.98 15.60
CA ILE D 52 -12.19 17.00 16.94
C ILE D 52 -12.02 18.44 17.45
N ASN D 53 -11.67 19.37 16.56
CA ASN D 53 -11.44 20.75 16.93
C ASN D 53 -12.72 21.51 17.30
N SER D 54 -13.83 21.07 16.75
CA SER D 54 -15.07 21.72 16.99
C SER D 54 -15.72 21.18 18.24
N GLU D 55 -15.00 20.35 19.00
CA GLU D 55 -15.50 19.81 20.25
C GLU D 55 -15.76 20.79 21.37
N ASP D 56 -14.82 21.68 21.63
CA ASP D 56 -15.08 22.79 22.49
C ASP D 56 -15.01 23.86 21.44
N ASN D 57 -16.15 24.43 21.14
CA ASN D 57 -16.30 25.10 19.87
C ASN D 57 -15.20 26.08 19.66
N ALA D 58 -14.46 25.85 18.58
CA ALA D 58 -13.54 26.83 18.03
C ALA D 58 -13.65 26.77 16.52
N GLU D 59 -13.64 27.92 15.84
CA GLU D 59 -13.66 27.93 14.38
C GLU D 59 -14.76 27.04 13.87
N SER D 60 -15.98 27.38 14.24
CA SER D 60 -17.02 26.42 14.25
C SER D 60 -17.21 25.81 12.90
N SER D 61 -17.32 24.50 12.91
CA SER D 61 -17.97 23.75 11.88
C SER D 61 -17.51 23.96 10.44
N LYS D 62 -16.22 23.87 10.16
CA LYS D 62 -15.76 24.00 8.78
C LYS D 62 -16.06 22.74 7.97
N ALA D 63 -17.13 22.78 7.20
CA ALA D 63 -17.57 21.62 6.43
C ALA D 63 -17.96 21.94 4.98
N VAL D 64 -18.42 20.91 4.28
CA VAL D 64 -18.85 21.00 2.89
C VAL D 64 -20.02 20.07 2.61
N LYS D 65 -21.04 20.60 1.95
CA LYS D 65 -22.23 19.81 1.67
C LYS D 65 -22.33 19.37 0.22
N LEU D 66 -22.72 18.12 0.02
CA LEU D 66 -22.90 17.59 -1.32
C LEU D 66 -24.24 16.90 -1.41
N ASN D 67 -24.85 16.98 -2.59
CA ASN D 67 -26.10 16.28 -2.89
C ASN D 67 -25.89 14.75 -2.98
N GLU D 68 -24.78 14.35 -3.59
CA GLU D 68 -24.46 12.93 -3.78
C GLU D 68 -22.96 12.69 -3.81
N ILE D 69 -22.51 11.52 -3.35
CA ILE D 69 -21.11 11.14 -3.49
C ILE D 69 -20.93 9.63 -3.71
N TYR D 70 -19.97 9.30 -4.58
CA TYR D 70 -19.51 7.94 -4.85
C TYR D 70 -18.18 7.70 -4.17
N ILE D 71 -18.10 6.63 -3.38
CA ILE D 71 -16.88 6.31 -2.65
C ILE D 71 -16.39 4.88 -2.97
N ARG D 72 -15.09 4.75 -3.24
CA ARG D 72 -14.45 3.49 -3.58
C ARG D 72 -14.16 2.67 -2.31
N GLY D 73 -14.80 1.51 -2.21
CA GLY D 73 -14.66 0.65 -1.04
C GLY D 73 -13.26 0.46 -0.51
N THR D 74 -12.28 0.33 -1.42
CA THR D 74 -10.90 0.06 -1.04
C THR D 74 -10.26 1.26 -0.42
N PHE D 75 -10.92 2.41 -0.54
CA PHE D 75 -10.40 3.61 0.08
C PHE D 75 -11.00 3.86 1.49
N ILE D 76 -11.93 3.05 1.93
CA ILE D 76 -12.52 3.16 3.27
C ILE D 76 -11.69 2.59 4.43
N LYS D 77 -11.55 3.36 5.49
CA LYS D 77 -10.93 2.85 6.70
C LYS D 77 -11.92 2.26 7.71
N PHE D 78 -12.93 3.01 8.09
CA PHE D 78 -13.97 2.51 8.95
C PHE D 78 -15.28 3.24 8.83
N ILE D 79 -16.30 2.66 9.41
CA ILE D 79 -17.65 3.17 9.31
C ILE D 79 -18.34 3.15 10.69
N LYS D 80 -18.68 4.34 11.17
CA LYS D 80 -19.51 4.48 12.35
C LYS D 80 -20.97 4.37 11.93
N LEU D 81 -21.66 3.35 12.46
CA LEU D 81 -23.06 3.11 12.19
C LEU D 81 -23.94 3.72 13.28
N GLN D 82 -25.17 4.07 12.92
CA GLN D 82 -26.11 4.66 13.89
C GLN D 82 -26.32 3.76 15.12
N ASP D 83 -26.49 4.39 16.28
CA ASP D 83 -26.56 3.70 17.57
C ASP D 83 -27.54 2.51 17.58
N ASN D 84 -28.66 2.64 16.86
CA ASN D 84 -29.61 1.53 16.68
C ASN D 84 -29.06 0.46 15.74
N PRO E 4 -22.86 9.42 -31.53
CA PRO E 4 -22.32 8.26 -30.81
C PRO E 4 -21.87 8.61 -29.39
N GLU E 5 -21.54 7.60 -28.60
CA GLU E 5 -21.08 7.82 -27.23
C GLU E 5 -19.57 7.99 -27.25
N ILE E 6 -19.04 8.69 -26.25
CA ILE E 6 -17.60 8.85 -26.14
C ILE E 6 -17.08 7.81 -25.15
N LEU E 7 -16.11 7.02 -25.59
CA LEU E 7 -15.56 5.96 -24.75
C LEU E 7 -14.08 6.13 -24.44
N PRO E 8 -13.72 6.08 -23.16
CA PRO E 8 -12.34 6.27 -22.72
C PRO E 8 -11.33 5.45 -23.51
N LEU E 9 -11.58 4.14 -23.64
CA LEU E 9 -10.65 3.28 -24.35
C LEU E 9 -10.60 3.67 -25.83
N GLU E 10 -11.74 4.10 -26.36
CA GLU E 10 -11.82 4.57 -27.74
C GLU E 10 -11.03 5.86 -27.98
N VAL E 11 -11.07 6.76 -27.02
CA VAL E 11 -10.26 7.96 -27.07
C VAL E 11 -8.78 7.62 -27.11
N ILE E 12 -8.35 6.69 -26.26
CA ILE E 12 -6.94 6.33 -26.21
C ILE E 12 -6.49 5.69 -27.52
N ASP E 13 -7.36 4.86 -28.10
CA ASP E 13 -7.08 4.25 -29.40
C ASP E 13 -6.85 5.32 -30.47
N LYS E 14 -7.75 6.31 -30.54
CA LYS E 14 -7.63 7.39 -31.52
C LYS E 14 -6.36 8.23 -31.30
N THR E 15 -5.61 7.89 -30.26
CA THR E 15 -4.40 8.62 -29.90
C THR E 15 -3.15 7.83 -30.33
N ILE E 16 -3.34 6.58 -30.75
CA ILE E 16 -2.21 5.79 -31.23
C ILE E 16 -1.57 6.50 -32.42
N ASN E 17 -0.24 6.65 -32.36
CA ASN E 17 0.56 7.44 -33.32
C ASN E 17 0.47 8.94 -33.11
N GLN E 18 -0.30 9.38 -32.11
CA GLN E 18 -0.28 10.77 -31.71
C GLN E 18 0.65 10.94 -30.52
N LYS E 19 1.05 12.18 -30.24
CA LYS E 19 1.63 12.52 -28.94
C LYS E 19 0.62 12.27 -27.81
N VAL E 20 1.10 11.78 -26.68
CA VAL E 20 0.25 11.61 -25.52
C VAL E 20 1.06 11.98 -24.30
N LEU E 21 0.38 12.52 -23.28
CA LEU E 21 1.01 12.76 -22.00
C LEU E 21 0.42 11.78 -21.00
N ILE E 22 1.30 11.02 -20.36
CA ILE E 22 0.89 10.01 -19.41
C ILE E 22 1.23 10.59 -18.06
N VAL E 23 0.24 10.81 -17.21
CA VAL E 23 0.53 11.34 -15.87
C VAL E 23 0.39 10.23 -14.85
N LEU E 24 1.37 10.09 -13.97
CA LEU E 24 1.28 9.02 -12.98
C LEU E 24 0.49 9.49 -11.73
N GLN E 25 0.34 8.59 -10.76
CA GLN E 25 -0.27 8.91 -9.45
C GLN E 25 0.68 9.81 -8.68
N SER E 26 1.97 9.48 -8.75
CA SER E 26 3.04 10.31 -8.21
C SER E 26 3.22 11.52 -9.13
N ASN E 27 4.17 12.37 -8.80
CA ASN E 27 4.43 13.58 -9.57
C ASN E 27 5.47 13.31 -10.66
N ARG E 28 5.03 12.66 -11.70
CA ARG E 28 5.92 12.26 -12.78
C ARG E 28 5.03 12.09 -14.00
N GLU E 29 5.56 12.48 -15.17
CA GLU E 29 4.82 12.33 -16.40
C GLU E 29 5.73 12.01 -17.58
N PHE E 30 5.16 11.40 -18.61
CA PHE E 30 5.93 10.99 -19.76
C PHE E 30 5.21 11.49 -20.98
N GLU E 31 5.91 12.24 -21.82
CA GLU E 31 5.35 12.66 -23.09
C GLU E 31 6.03 11.91 -24.22
N GLY E 32 5.24 11.44 -25.18
CA GLY E 32 5.76 10.64 -26.25
C GLY E 32 4.71 10.22 -27.23
N THR E 33 5.12 9.49 -28.26
CA THR E 33 4.19 8.97 -29.25
C THR E 33 3.66 7.65 -28.77
N LEU E 34 2.33 7.51 -28.80
CA LEU E 34 1.69 6.33 -28.27
C LEU E 34 1.74 5.26 -29.33
N VAL E 35 2.35 4.13 -29.00
CA VAL E 35 2.47 3.06 -29.98
C VAL E 35 1.30 2.13 -29.83
N GLY E 36 0.96 1.82 -28.59
CA GLY E 36 -0.14 0.92 -28.29
C GLY E 36 -0.31 0.69 -26.79
N PHE E 37 -1.37 -0.02 -26.43
CA PHE E 37 -1.64 -0.36 -25.04
C PHE E 37 -2.45 -1.66 -24.95
N ASP E 38 -2.52 -2.25 -23.76
CA ASP E 38 -3.31 -3.46 -23.55
C ASP E 38 -4.53 -3.24 -22.64
N ASP E 39 -5.17 -4.34 -22.26
CA ASP E 39 -6.39 -4.32 -21.44
C ASP E 39 -6.21 -3.64 -20.09
N PHE E 40 -5.06 -3.87 -19.47
CA PHE E 40 -4.73 -3.29 -18.18
C PHE E 40 -4.12 -1.90 -18.36
N VAL E 41 -4.21 -1.38 -19.58
CA VAL E 41 -3.65 -0.08 -19.93
C VAL E 41 -2.15 0.03 -19.61
N ASN E 42 -1.42 -1.06 -19.82
CA ASN E 42 0.02 -0.94 -19.93
C ASN E 42 0.25 -0.22 -21.25
N VAL E 43 1.16 0.74 -21.25
CA VAL E 43 1.30 1.61 -22.41
C VAL E 43 2.67 1.46 -23.05
N ILE E 44 2.69 1.37 -24.39
CA ILE E 44 3.93 1.41 -25.16
C ILE E 44 4.17 2.80 -25.72
N LEU E 45 5.24 3.46 -25.28
CA LEU E 45 5.60 4.80 -25.76
C LEU E 45 6.90 4.79 -26.58
N GLU E 46 6.97 5.71 -27.54
CA GLU E 46 8.16 5.88 -28.37
C GLU E 46 8.84 7.20 -28.08
N ASP E 47 10.16 7.13 -27.89
CA ASP E 47 11.01 8.29 -27.64
C ASP E 47 10.40 9.25 -26.60
N ALA E 48 10.18 8.70 -25.41
CA ALA E 48 9.49 9.38 -24.34
C ALA E 48 10.35 10.41 -23.64
N VAL E 49 9.80 11.59 -23.38
CA VAL E 49 10.46 12.49 -22.46
C VAL E 49 9.93 12.21 -21.07
N GLU E 50 10.82 12.08 -20.11
CA GLU E 50 10.44 11.87 -18.73
C GLU E 50 10.61 13.15 -17.91
N TRP E 51 9.51 13.59 -17.31
CA TRP E 51 9.52 14.75 -16.43
C TRP E 51 9.23 14.37 -14.98
N LEU E 52 10.01 14.95 -14.06
CA LEU E 52 9.58 15.13 -12.67
C LEU E 52 8.87 16.49 -12.60
N ILE E 53 7.74 16.55 -11.91
CA ILE E 53 6.96 17.78 -11.87
C ILE E 53 6.85 18.41 -10.46
N ASP E 54 7.18 19.70 -10.37
CA ASP E 54 7.07 20.46 -9.13
C ASP E 54 5.61 20.89 -8.94
N PRO E 55 5.04 20.53 -7.78
CA PRO E 55 3.66 20.88 -7.45
C PRO E 55 3.42 22.40 -7.49
N GLU E 56 4.40 23.19 -7.04
CA GLU E 56 4.22 24.64 -6.97
C GLU E 56 4.48 25.37 -8.28
N ASP E 57 5.56 25.05 -8.97
CA ASP E 57 5.94 25.80 -10.16
C ASP E 57 6.19 24.97 -11.42
N GLU E 58 5.27 25.08 -12.38
CA GLU E 58 5.38 24.40 -13.66
C GLU E 58 6.63 24.83 -14.43
N SER E 59 7.28 25.88 -13.95
CA SER E 59 8.54 26.35 -14.51
C SER E 59 9.73 25.56 -13.95
N ARG E 60 9.63 25.18 -12.68
CA ARG E 60 10.70 24.41 -12.04
C ARG E 60 10.51 22.90 -12.19
N ASN E 61 9.79 22.49 -13.24
CA ASN E 61 9.72 21.09 -13.62
C ASN E 61 11.11 20.63 -14.09
N GLU E 62 11.38 19.33 -13.96
CA GLU E 62 12.69 18.77 -14.28
C GLU E 62 12.62 17.63 -15.30
N LYS E 63 13.31 17.78 -16.42
CA LYS E 63 13.43 16.70 -17.41
C LYS E 63 14.42 15.65 -16.93
N VAL E 64 13.95 14.48 -16.55
CA VAL E 64 14.84 13.42 -16.05
C VAL E 64 15.60 12.76 -17.19
N MET E 65 14.90 12.47 -18.29
CA MET E 65 15.57 11.93 -19.46
C MET E 65 14.80 12.02 -20.77
N GLN E 66 15.55 12.07 -21.85
CA GLN E 66 15.03 11.87 -23.18
C GLN E 66 15.31 10.41 -23.52
N HIS E 67 14.25 9.61 -23.66
CA HIS E 67 14.41 8.20 -23.99
C HIS E 67 14.39 7.99 -25.50
N HIS E 68 15.10 6.95 -25.94
CA HIS E 68 15.06 6.57 -27.35
C HIS E 68 14.58 5.15 -27.47
N GLY E 69 13.86 4.86 -28.54
CA GLY E 69 13.27 3.55 -28.69
C GLY E 69 11.91 3.47 -28.02
N ARG E 70 11.45 2.26 -27.77
CA ARG E 70 10.17 2.06 -27.16
C ARG E 70 10.27 1.71 -25.67
N MET E 71 9.31 2.19 -24.88
CA MET E 71 9.21 1.77 -23.49
C MET E 71 7.84 1.21 -23.13
N LEU E 72 7.86 0.27 -22.23
CA LEU E 72 6.64 -0.19 -21.70
C LEU E 72 6.44 0.45 -20.34
N LEU E 73 5.35 1.17 -20.22
CA LEU E 73 5.01 1.85 -18.99
C LEU E 73 3.88 1.14 -18.32
N SER E 74 4.10 0.62 -17.14
CA SER E 74 3.06 -0.14 -16.48
C SER E 74 1.82 0.65 -16.01
N GLY E 75 0.62 0.15 -16.30
CA GLY E 75 -0.59 0.89 -16.06
C GLY E 75 -0.93 0.87 -14.58
N ASN E 76 -0.09 0.19 -13.81
CA ASN E 76 -0.07 0.19 -12.35
C ASN E 76 -0.24 1.60 -11.78
N ASN E 77 0.60 2.50 -12.28
CA ASN E 77 0.74 3.83 -11.73
C ASN E 77 0.11 4.92 -12.59
N ILE E 78 -0.57 4.54 -13.67
CA ILE E 78 -1.10 5.52 -14.63
C ILE E 78 -2.39 6.17 -14.14
N ALA E 79 -2.33 7.45 -13.85
CA ALA E 79 -3.52 8.16 -13.41
C ALA E 79 -4.26 8.77 -14.57
N ILE E 80 -3.53 9.46 -15.47
CA ILE E 80 -4.12 10.33 -16.47
C ILE E 80 -3.47 10.21 -17.86
N LEU E 81 -4.30 10.07 -18.88
CA LEU E 81 -3.81 10.15 -20.25
C LEU E 81 -4.37 11.39 -20.95
N VAL E 82 -3.47 12.24 -21.44
CA VAL E 82 -3.83 13.46 -22.12
C VAL E 82 -3.41 13.36 -23.57
N PRO E 83 -4.37 13.15 -24.48
CA PRO E 83 -4.09 13.10 -25.92
C PRO E 83 -3.54 14.44 -26.43
N GLY E 84 -2.54 14.38 -27.31
CA GLY E 84 -1.90 15.59 -27.84
C GLY E 84 -0.70 16.04 -27.02
N GLY E 85 -0.57 15.49 -25.81
CA GLY E 85 0.58 15.76 -24.97
C GLY E 85 0.52 17.06 -24.18
N LYS E 86 1.70 17.54 -23.78
CA LYS E 86 1.83 18.68 -22.87
C LYS E 86 1.32 19.99 -23.45
N LYS E 87 1.55 20.21 -24.74
CA LYS E 87 1.11 21.42 -25.43
C LYS E 87 1.64 22.69 -24.79
N SER F 10 -2.16 -7.91 -28.85
CA SER F 10 -1.41 -8.17 -27.62
C SER F 10 -0.07 -7.43 -27.69
N VAL F 11 -0.15 -6.16 -28.10
CA VAL F 11 0.99 -5.29 -28.34
C VAL F 11 2.03 -5.28 -27.21
N THR F 12 1.58 -5.51 -25.99
CA THR F 12 2.43 -5.46 -24.81
C THR F 12 3.28 -6.71 -24.68
N THR F 13 2.68 -7.87 -24.92
CA THR F 13 3.40 -9.12 -24.86
C THR F 13 4.36 -9.26 -26.03
N GLU F 14 3.98 -8.72 -27.19
CA GLU F 14 4.84 -8.76 -28.37
C GLU F 14 6.04 -7.85 -28.16
N PHE F 15 5.85 -6.76 -27.44
CA PHE F 15 6.95 -5.87 -27.12
C PHE F 15 7.94 -6.56 -26.20
N LEU F 16 7.42 -7.20 -25.16
CA LEU F 16 8.26 -7.94 -24.23
C LEU F 16 8.99 -9.11 -24.94
N SER F 17 8.32 -9.74 -25.89
CA SER F 17 8.90 -10.86 -26.58
C SER F 17 10.17 -10.52 -27.28
N ASP F 18 10.20 -9.45 -28.03
CA ASP F 18 11.37 -9.06 -28.78
C ASP F 18 12.36 -8.11 -28.08
N ILE F 19 12.40 -8.17 -26.76
CA ILE F 19 13.47 -7.52 -26.00
C ILE F 19 14.10 -8.50 -25.02
N ILE F 20 13.58 -9.70 -24.95
CA ILE F 20 14.27 -10.75 -24.21
C ILE F 20 15.67 -10.85 -24.83
N GLY F 21 16.70 -10.76 -23.99
CA GLY F 21 18.07 -10.89 -24.47
C GLY F 21 18.74 -9.56 -24.81
N LYS F 22 17.92 -8.54 -25.05
CA LYS F 22 18.43 -7.20 -25.34
C LYS F 22 18.78 -6.50 -24.04
N THR F 23 19.67 -5.52 -24.13
CA THR F 23 19.96 -4.66 -23.00
C THR F 23 18.81 -3.69 -22.79
N VAL F 24 18.39 -3.53 -21.53
CA VAL F 24 17.30 -2.61 -21.22
C VAL F 24 17.61 -1.71 -20.06
N ASN F 25 16.70 -0.75 -19.88
CA ASN F 25 16.58 0.04 -18.67
C ASN F 25 15.31 -0.30 -17.92
N VAL F 26 15.47 -0.58 -16.63
CA VAL F 26 14.33 -0.88 -15.79
C VAL F 26 14.31 0.10 -14.64
N LYS F 27 13.30 0.96 -14.65
CA LYS F 27 13.16 1.95 -13.57
C LYS F 27 12.09 1.50 -12.59
N LEU F 28 12.43 1.54 -11.30
CA LEU F 28 11.49 1.19 -10.24
C LEU F 28 10.60 2.39 -9.83
N ALA F 29 9.58 2.13 -9.01
CA ALA F 29 8.71 3.19 -8.50
C ALA F 29 9.50 4.08 -7.54
N SER F 30 10.47 3.49 -6.86
CA SER F 30 11.34 4.23 -5.96
C SER F 30 12.27 5.20 -6.74
N GLY F 31 12.32 5.04 -8.06
CA GLY F 31 13.19 5.86 -8.89
C GLY F 31 14.58 5.27 -9.13
N LEU F 32 14.88 4.15 -8.47
CA LEU F 32 16.09 3.39 -8.79
C LEU F 32 16.05 2.81 -10.21
N LEU F 33 17.19 2.89 -10.89
CA LEU F 33 17.25 2.57 -12.31
C LEU F 33 18.27 1.47 -12.58
N TYR F 34 17.83 0.41 -13.25
CA TYR F 34 18.69 -0.73 -13.50
C TYR F 34 18.90 -0.88 -14.98
N SER F 35 20.17 -1.02 -15.35
CA SER F 35 20.52 -1.29 -16.73
C SER F 35 21.29 -2.59 -16.84
N GLY F 36 20.99 -3.35 -17.89
CA GLY F 36 21.71 -4.57 -18.19
C GLY F 36 20.92 -5.42 -19.17
N ARG F 37 21.26 -6.69 -19.24
CA ARG F 37 20.67 -7.54 -20.26
C ARG F 37 19.49 -8.34 -19.67
N LEU F 38 18.37 -8.33 -20.35
CA LEU F 38 17.20 -8.99 -19.85
C LEU F 38 17.17 -10.48 -20.17
N GLU F 39 17.52 -11.26 -19.18
CA GLU F 39 17.47 -12.69 -19.23
C GLU F 39 16.08 -13.29 -19.22
N SER F 40 15.21 -12.76 -18.40
CA SER F 40 13.86 -13.25 -18.32
C SER F 40 12.85 -12.22 -17.84
N ILE F 41 11.63 -12.37 -18.25
CA ILE F 41 10.57 -11.54 -17.72
C ILE F 41 9.30 -12.38 -17.70
N ASP F 42 8.44 -12.22 -16.70
CA ASP F 42 7.19 -12.98 -16.69
C ASP F 42 5.94 -12.10 -16.89
N GLY F 43 4.77 -12.73 -16.77
CA GLY F 43 3.50 -12.05 -16.98
C GLY F 43 3.21 -10.96 -15.97
N PHE F 44 3.75 -11.10 -14.77
CA PHE F 44 3.63 -10.08 -13.73
C PHE F 44 4.73 -9.02 -13.83
N MET F 45 5.54 -9.12 -14.89
CA MET F 45 6.68 -8.23 -15.12
C MET F 45 7.78 -8.32 -14.07
N ASN F 46 7.88 -9.45 -13.40
CA ASN F 46 9.11 -9.78 -12.72
C ASN F 46 10.20 -9.91 -13.78
N VAL F 47 11.39 -9.45 -13.39
CA VAL F 47 12.50 -9.33 -14.29
C VAL F 47 13.75 -9.97 -13.70
N ALA F 48 14.51 -10.68 -14.53
CA ALA F 48 15.89 -11.04 -14.23
C ALA F 48 16.83 -10.34 -15.22
N LEU F 49 17.86 -9.72 -14.72
CA LEU F 49 18.84 -9.04 -15.51
C LEU F 49 20.26 -9.45 -15.23
N SER F 50 21.02 -9.70 -16.29
CA SER F 50 22.48 -9.96 -16.29
C SER F 50 23.34 -8.68 -16.49
N SER F 51 24.48 -8.60 -15.83
CA SER F 51 25.37 -7.48 -15.93
C SER F 51 24.77 -6.15 -15.49
N ALA F 52 23.97 -6.15 -14.44
CA ALA F 52 23.20 -4.98 -14.00
C ALA F 52 23.98 -3.90 -13.23
N THR F 53 23.82 -2.65 -13.70
CA THR F 53 24.20 -1.48 -12.91
C THR F 53 22.97 -0.87 -12.20
N GLU F 54 23.23 -0.18 -11.09
CA GLU F 54 22.18 0.51 -10.34
C GLU F 54 22.46 2.01 -10.25
N HIS F 55 21.58 2.83 -10.81
CA HIS F 55 21.68 4.27 -10.62
C HIS F 55 20.36 4.83 -10.06
N TYR F 56 20.41 6.00 -9.46
CA TYR F 56 19.21 6.69 -9.03
C TYR F 56 18.76 7.67 -10.08
N GLU F 57 17.59 7.45 -10.63
CA GLU F 57 16.96 8.32 -11.60
C GLU F 57 17.53 8.39 -13.04
N SER F 58 18.83 8.59 -13.17
CA SER F 58 19.46 8.67 -14.45
C SER F 58 20.70 7.83 -14.53
N ASN F 59 20.97 7.29 -15.71
CA ASN F 59 22.23 6.59 -15.98
C ASN F 59 23.43 7.52 -15.89
N ASN F 60 23.19 8.81 -16.13
CA ASN F 60 24.25 9.79 -16.04
C ASN F 60 24.72 10.10 -14.62
N ASN F 61 24.01 9.59 -13.62
CA ASN F 61 24.36 9.85 -12.23
C ASN F 61 25.37 8.84 -11.67
N LYS F 62 25.80 9.07 -10.44
CA LYS F 62 26.75 8.20 -9.75
C LYS F 62 26.34 6.73 -9.74
N LEU F 63 27.29 5.86 -10.08
CA LEU F 63 27.09 4.43 -10.03
C LEU F 63 26.96 4.01 -8.57
N LEU F 64 25.83 3.40 -8.21
CA LEU F 64 25.59 3.03 -6.83
C LEU F 64 26.04 1.61 -6.60
N ASN F 65 25.72 0.74 -7.56
CA ASN F 65 26.10 -0.67 -7.47
C ASN F 65 26.25 -1.30 -8.85
N LYS F 66 27.26 -2.15 -8.97
CA LYS F 66 27.40 -2.99 -10.15
C LYS F 66 27.21 -4.40 -9.66
N PHE F 67 26.38 -5.17 -10.36
CA PHE F 67 26.08 -6.51 -9.91
C PHE F 67 26.73 -7.54 -10.80
N ASN F 68 27.19 -8.63 -10.21
CA ASN F 68 27.93 -9.63 -10.96
C ASN F 68 27.18 -10.93 -11.27
N SER F 69 26.01 -11.11 -10.67
CA SER F 69 25.13 -12.20 -11.09
C SER F 69 23.81 -11.58 -11.47
N ASP F 70 22.84 -12.41 -11.84
CA ASP F 70 21.52 -11.90 -12.17
C ASP F 70 20.87 -11.13 -11.00
N VAL F 71 20.27 -9.99 -11.31
CA VAL F 71 19.47 -9.28 -10.33
C VAL F 71 18.01 -9.54 -10.64
N PHE F 72 17.27 -9.84 -9.58
CA PHE F 72 15.83 -10.07 -9.71
C PHE F 72 15.07 -8.86 -9.18
N LEU F 73 14.04 -8.44 -9.93
CA LEU F 73 13.26 -7.25 -9.59
C LEU F 73 11.78 -7.58 -9.59
N ARG F 74 11.11 -7.11 -8.56
CA ARG F 74 9.66 -7.28 -8.40
C ARG F 74 8.85 -6.51 -9.43
N GLY F 75 8.07 -7.24 -10.21
CA GLY F 75 7.12 -6.61 -11.11
C GLY F 75 6.16 -5.60 -10.46
N THR F 76 5.82 -5.79 -9.19
CA THR F 76 4.88 -4.85 -8.56
C THR F 76 5.47 -3.45 -8.40
N GLN F 77 6.80 -3.36 -8.44
CA GLN F 77 7.52 -2.11 -8.29
C GLN F 77 8.01 -1.48 -9.59
N VAL F 78 7.76 -2.15 -10.71
CA VAL F 78 8.30 -1.68 -11.98
C VAL F 78 7.45 -0.56 -12.53
N MET F 79 8.09 0.55 -12.83
CA MET F 79 7.44 1.70 -13.43
C MET F 79 7.57 1.61 -14.95
N TYR F 80 8.79 1.38 -15.43
CA TYR F 80 8.96 1.15 -16.85
C TYR F 80 10.07 0.19 -17.24
N ILE F 81 9.97 -0.28 -18.47
CA ILE F 81 11.02 -1.03 -19.11
C ILE F 81 11.19 -0.41 -20.48
N SER F 82 12.44 -0.14 -20.83
CA SER F 82 12.72 0.45 -22.13
C SER F 82 13.99 -0.07 -22.77
N GLU F 83 14.00 0.00 -24.10
CA GLU F 83 15.17 -0.32 -24.88
C GLU F 83 16.27 0.65 -24.48
N GLN F 84 17.46 0.10 -24.39
CA GLN F 84 18.64 0.91 -24.26
C GLN F 84 19.23 1.15 -25.66
N LYS F 85 19.46 2.41 -25.99
CA LYS F 85 20.10 2.78 -27.25
C LYS F 85 21.10 3.88 -27.03
N ILE F 86 22.22 3.57 -26.41
CA ILE F 86 23.17 4.60 -26.08
C ILE F 86 24.30 4.12 -25.21
N ALA G 26 -24.85 -1.09 -12.65
CA ALA G 26 -23.96 -0.86 -11.51
C ALA G 26 -24.55 0.10 -10.49
N ILE G 27 -23.68 0.77 -9.75
CA ILE G 27 -24.09 1.51 -8.55
C ILE G 27 -24.25 3.01 -8.78
N LEU G 28 -23.34 3.62 -9.52
CA LEU G 28 -23.49 5.04 -9.87
C LEU G 28 -23.75 5.20 -11.35
N ASP G 29 -24.94 5.70 -11.68
CA ASP G 29 -25.28 5.97 -13.06
C ASP G 29 -24.61 7.26 -13.49
N LEU G 30 -23.54 7.17 -14.28
CA LEU G 30 -22.82 8.37 -14.67
C LEU G 30 -23.60 9.24 -15.66
N ALA G 31 -24.62 8.68 -16.25
CA ALA G 31 -25.40 9.37 -17.24
C ALA G 31 -25.98 10.64 -16.69
N LYS G 32 -26.36 10.62 -15.44
CA LYS G 32 -26.96 11.79 -14.79
C LYS G 32 -25.96 12.93 -14.65
N TYR G 33 -24.67 12.61 -14.75
CA TYR G 33 -23.61 13.59 -14.59
C TYR G 33 -23.02 14.02 -15.92
N LYS G 34 -23.56 13.48 -17.00
CA LYS G 34 -23.01 13.76 -18.32
C LYS G 34 -23.14 15.25 -18.66
N ASP G 35 -22.04 15.83 -19.12
CA ASP G 35 -21.96 17.23 -19.55
C ASP G 35 -22.00 18.24 -18.40
N SER G 36 -21.81 17.75 -17.18
CA SER G 36 -21.56 18.69 -16.09
C SER G 36 -20.17 18.49 -15.50
N LYS G 37 -19.73 19.49 -14.73
CA LYS G 37 -18.43 19.46 -14.08
C LYS G 37 -18.46 18.50 -12.89
N ILE G 38 -17.55 17.55 -12.87
CA ILE G 38 -17.43 16.66 -11.73
C ILE G 38 -16.13 16.85 -11.01
N ARG G 39 -16.12 16.39 -9.76
CA ARG G 39 -14.95 16.46 -8.91
C ARG G 39 -14.48 15.03 -8.64
N VAL G 40 -13.21 14.71 -8.93
CA VAL G 40 -12.74 13.34 -8.78
C VAL G 40 -11.42 13.25 -8.01
N LYS G 41 -11.45 12.58 -6.87
CA LYS G 41 -10.22 12.33 -6.09
C LYS G 41 -9.51 11.09 -6.59
N LEU G 42 -8.17 11.11 -6.50
CA LEU G 42 -7.35 10.00 -6.99
C LEU G 42 -6.41 9.54 -5.89
N MET G 43 -6.03 8.26 -5.94
CA MET G 43 -5.28 7.60 -4.88
C MET G 43 -4.03 8.30 -4.36
N GLY G 44 -3.20 8.84 -5.24
CA GLY G 44 -1.97 9.45 -4.77
C GLY G 44 -2.06 10.88 -4.30
N GLY G 45 -3.28 11.40 -4.13
CA GLY G 45 -3.49 12.74 -3.59
C GLY G 45 -4.07 13.77 -4.55
N LYS G 46 -4.04 13.48 -5.86
CA LYS G 46 -4.49 14.42 -6.88
C LYS G 46 -6.00 14.57 -6.97
N LEU G 47 -6.44 15.78 -7.28
CA LEU G 47 -7.84 16.05 -7.52
C LEU G 47 -7.99 16.62 -8.91
N VAL G 48 -9.02 16.17 -9.60
CA VAL G 48 -9.20 16.57 -10.95
C VAL G 48 -10.64 17.00 -11.11
N ILE G 49 -10.84 18.11 -11.80
CA ILE G 49 -12.16 18.66 -12.02
C ILE G 49 -12.31 18.88 -13.50
N GLY G 50 -13.46 18.54 -14.07
CA GLY G 50 -13.67 18.73 -15.48
C GLY G 50 -15.09 18.32 -15.84
N VAL G 51 -15.47 18.52 -17.10
CA VAL G 51 -16.81 18.18 -17.57
C VAL G 51 -16.81 16.73 -18.01
N LEU G 52 -17.80 15.97 -17.58
CA LEU G 52 -17.83 14.56 -17.93
C LEU G 52 -18.32 14.44 -19.35
N LYS G 53 -17.48 13.85 -20.21
CA LYS G 53 -17.87 13.64 -21.59
C LYS G 53 -18.37 12.22 -21.84
N GLY G 54 -17.74 11.26 -21.17
CA GLY G 54 -18.16 9.88 -21.31
C GLY G 54 -17.42 9.04 -20.31
N TYR G 55 -17.76 7.76 -20.27
CA TYR G 55 -17.25 6.89 -19.24
C TYR G 55 -17.52 5.45 -19.64
N ASP G 56 -16.98 4.51 -18.88
CA ASP G 56 -17.23 3.10 -19.17
C ASP G 56 -17.61 2.37 -17.90
N GLN G 57 -17.86 1.06 -18.00
CA GLN G 57 -18.26 0.23 -16.84
C GLN G 57 -17.21 0.16 -15.73
N LEU G 58 -15.94 0.20 -16.11
CA LEU G 58 -14.82 0.20 -15.16
C LEU G 58 -14.53 1.58 -14.58
N MET G 59 -15.42 2.54 -14.86
CA MET G 59 -15.29 3.92 -14.36
C MET G 59 -14.04 4.70 -14.81
N ASN G 60 -13.42 4.26 -15.90
CA ASN G 60 -12.56 5.14 -16.67
C ASN G 60 -13.46 6.27 -17.11
N LEU G 61 -12.94 7.48 -17.15
CA LEU G 61 -13.76 8.66 -17.54
C LEU G 61 -13.11 9.50 -18.62
N VAL G 62 -13.93 10.10 -19.48
CA VAL G 62 -13.43 11.17 -20.35
C VAL G 62 -13.87 12.54 -19.81
N LEU G 63 -12.89 13.36 -19.41
CA LEU G 63 -13.15 14.71 -18.94
C LEU G 63 -12.57 15.77 -19.87
N ASP G 64 -13.37 16.82 -20.11
CA ASP G 64 -12.88 17.99 -20.83
C ASP G 64 -12.67 19.20 -19.92
N ASP G 65 -11.92 20.18 -20.41
CA ASP G 65 -11.52 21.35 -19.62
C ASP G 65 -11.01 20.92 -18.27
N THR G 66 -10.16 19.91 -18.29
CA THR G 66 -9.74 19.28 -17.05
C THR G 66 -8.75 20.19 -16.33
N VAL G 67 -9.00 20.39 -15.04
CA VAL G 67 -8.00 21.00 -14.17
C VAL G 67 -7.50 19.97 -13.14
N GLU G 68 -6.18 19.90 -12.98
CA GLU G 68 -5.55 18.97 -12.06
C GLU G 68 -4.90 19.72 -10.91
N TYR G 69 -5.33 19.41 -9.69
CA TYR G 69 -4.74 20.01 -8.50
C TYR G 69 -3.82 18.98 -7.86
N MET G 70 -2.69 19.43 -7.36
CA MET G 70 -1.74 18.50 -6.79
C MET G 70 -1.51 18.67 -5.30
N SER G 71 -1.00 17.61 -4.69
CA SER G 71 -0.59 17.63 -3.29
C SER G 71 0.92 17.42 -3.23
N ILE G 82 -2.02 23.89 -2.93
CA ILE G 82 -3.47 24.10 -3.02
C ILE G 82 -3.84 24.73 -4.36
N SER G 83 -4.57 25.85 -4.31
CA SER G 83 -5.11 26.48 -5.51
C SER G 83 -4.04 26.96 -6.50
N LYS G 84 -2.93 27.41 -5.97
CA LYS G 84 -1.86 27.89 -6.84
C LYS G 84 -1.38 26.71 -7.67
N ASN G 85 -1.56 25.53 -7.11
CA ASN G 85 -1.21 24.29 -7.75
C ASN G 85 -2.28 23.80 -8.73
N ALA G 86 -2.49 24.54 -9.80
CA ALA G 86 -3.44 24.13 -10.79
C ALA G 86 -2.81 24.04 -12.14
N ARG G 87 -3.05 22.94 -12.82
CA ARG G 87 -2.66 22.82 -14.21
C ARG G 87 -3.88 22.54 -15.07
N LYS G 88 -3.94 23.18 -16.22
CA LYS G 88 -4.97 22.86 -17.20
C LYS G 88 -4.43 21.74 -18.10
N LEU G 89 -5.29 20.78 -18.42
CA LEU G 89 -4.89 19.61 -19.19
C LEU G 89 -5.81 19.41 -20.38
N GLY G 90 -6.94 20.10 -20.35
CA GLY G 90 -7.93 20.00 -21.40
C GLY G 90 -8.63 18.64 -21.40
N LEU G 91 -8.61 17.99 -22.56
CA LEU G 91 -9.28 16.71 -22.74
C LEU G 91 -8.39 15.61 -22.18
N THR G 92 -8.96 14.76 -21.31
CA THR G 92 -8.19 13.72 -20.64
C THR G 92 -8.98 12.45 -20.38
N VAL G 93 -8.26 11.39 -20.02
CA VAL G 93 -8.85 10.12 -19.67
C VAL G 93 -8.31 9.78 -18.32
N ILE G 94 -9.20 9.55 -17.36
CA ILE G 94 -8.81 9.17 -16.02
C ILE G 94 -9.05 7.68 -15.88
N ARG G 95 -8.09 6.97 -15.28
CA ARG G 95 -8.25 5.53 -15.05
C ARG G 95 -9.21 5.24 -13.90
N GLY G 96 -10.22 4.41 -14.17
CA GLY G 96 -11.17 3.99 -13.16
C GLY G 96 -10.53 3.32 -11.95
N THR G 97 -9.32 2.82 -12.17
CA THR G 97 -8.58 2.05 -11.20
C THR G 97 -8.04 2.87 -10.04
N ILE G 98 -7.69 4.13 -10.30
CA ILE G 98 -7.13 5.00 -9.27
C ILE G 98 -8.14 5.99 -8.70
N LEU G 99 -9.38 5.86 -9.11
CA LEU G 99 -10.43 6.73 -8.66
C LEU G 99 -10.77 6.34 -7.22
N VAL G 100 -10.83 7.31 -6.30
CA VAL G 100 -11.29 7.04 -4.93
C VAL G 100 -12.63 7.69 -4.58
N SER G 101 -12.91 8.88 -5.12
CA SER G 101 -14.27 9.38 -5.07
C SER G 101 -14.65 10.30 -6.24
N LEU G 102 -15.94 10.33 -6.51
CA LEU G 102 -16.51 11.18 -7.54
C LEU G 102 -17.70 11.90 -6.92
N SER G 103 -17.86 13.18 -7.25
CA SER G 103 -19.08 13.93 -6.92
C SER G 103 -19.24 15.06 -7.94
N SER G 104 -20.37 15.74 -7.88
CA SER G 104 -20.54 16.96 -8.64
C SER G 104 -19.50 17.97 -8.20
N ALA G 105 -19.08 18.85 -9.10
CA ALA G 105 -18.21 19.95 -8.72
C ALA G 105 -19.01 21.04 -7.97
N GLU G 106 -20.32 21.07 -8.19
CA GLU G 106 -21.22 21.93 -7.43
C GLU G 106 -21.32 21.45 -5.99
N GLY G 107 -21.26 22.36 -5.04
CA GLY G 107 -21.37 22.02 -3.63
C GLY G 107 -21.65 23.26 -2.76
N SER G 108 -21.72 23.09 -1.45
CA SER G 108 -21.90 24.25 -0.56
C SER G 108 -20.89 24.32 0.56
N ASP G 109 -20.27 25.48 0.78
CA ASP G 109 -19.39 25.64 1.93
C ASP G 109 -20.15 25.89 3.23
N VAL G 110 -19.55 25.41 4.33
CA VAL G 110 -20.15 25.38 5.67
C VAL G 110 -21.65 25.11 5.68
#